data_8K9Q
#
_entry.id   8K9Q
#
_cell.length_a   1.00
_cell.length_b   1.00
_cell.length_c   1.00
_cell.angle_alpha   90.00
_cell.angle_beta   90.00
_cell.angle_gamma   90.00
#
_symmetry.space_group_name_H-M   'P 1'
#
loop_
_entity.id
_entity.type
_entity.pdbx_description
1 polymer 'GPI inositol-deacylase,fused thermostable green fluorescent protein'
2 non-polymer 'CHOLESTEROL HEMISUCCINATE'
3 non-polymer '(2~{S})-2-azanyl-3-[[(2~{R})-3-hexadecanoyloxy-2-[(~{Z})-octadec-9-enoyl]oxy-propoxy]-oxidanyl-phosphoryl]oxy-propanoic acid'
#
_entity_poly.entity_id   1
_entity_poly.type   'polypeptide(L)'
_entity_poly.pdbx_seq_one_letter_code
;MGSRSLSSASSDDDDAPPIRVPRVNQCATSRTKDSQSPAQSASKLDRRRSADRRPSFSANRRSGTGAGTGTGTGIANWRP
FDSRDATVERAGSSTATTATTPPPSSSLGLMLAANGAVQEKEMVMMGKAQEHGFVGRRAPWRSPWAISVFAFVTSLLGIG
LLLAVIHSSVTRQIDPKGCRMSYMRPSYAKLSDFDTEHTRLASKYSLYLYREQGIDHDVKVRGVPVLFIPGNAGSYKQVR
PIAAEAANYFHDVLQHDEAALRAGVRSLDFFTVDFNEDITAFHGQTLLDQAEYLNEAIRYILSLYLDPRVSERDPDLPDP
TSVIVLGHSMGGIVARTMLIMPNYQHNSINTIITMSAPHARPPVSFDGQIVQTYKDINNYWRHAYSQKWANDNPLWHVTL
VSIAGGGLDTVVPSDYASIESLVPDTHGFTVFTSTIPNVWTSMDHQAILWCDQFRKVIIRALFDIVDVHRASQTKPRAQR
MRVFKKWFLSGMETVAEKIAPTSDPTTLLIVDDKSDSITAEGERLVLRELGTQGSVRAHLMPIPPPGSPELKRFTLLTDT
KLDKPGENGKLEVMFCSVIPSQPNPTGPAIPSQLDLSKGNAGTTRLACTNVAPDVITLPASTRFARFPFSVRKEAEIPPF
SYLEYVLDDISEHQFVAVIEKATIPTPGFVIAEFSDHSNSHHTRHIGLRNLLTFGISLRLPSNRPMMSEVRIPSVKSSLL
AYNLRISALECSGRKDLFAPLVRQYLAEPYESKYFVNARQAAVSLHGVAPYVPPPMSREPEAEGLAFQLWTDPTCNSSIQ
VDLTVDVMGSLGKLYMRYRTVFAAFPLFIVSLVLRKQFQVYDSTGSFITFAEGLDLSLRQSIPVMLIVLAALTLSTTKMA
PSSSAGLWHWGGNTTFTNFHQNDLLIGTQDPFFLFLIPLIGIICVGVCTVVNYIALSLTRLISVVISFIGFLTVRFGWVN
AEDRRRPSNPAIFPPSSPRRRMITTAVLLFLVSTMIPYQLAYLVACLVQLGTLVRAQRISSELRSPANSNFHNYVHSIFI
LMLWILPINLPTLVVWMHNLSVHWLTPFTSHHNVFSIMPFILLVETHTTGQMIPRTGGTGNGRCCVLLRHITSILLLSLA
LYAAVYGVSYAYTLHQFVNLFAFWLVMVHSTADDWSLTGLRQLILHNRNNANNKSETGSRKRGKEPGTLEVLFQGPGGSG
GSASVIKPEMKIKLRMEGAVNGHKFVIEGEGIGKPYEGTQTLDLTVEEGAPLPFSYDILTPAFQYGNRAFTKYPEDIPDY
FKQAFPEGYSWERSMTYEDQGICIATSDITMEGDCFFYEIRFDGTNFPPNGPVMQKKTLKWEPSTEKMYVEDGVLKGDVE
MALLLEGGGHYRCDFKTTYKAKKDVRLPDAHEVDHRIEILSHDKDYNKVRLYEHAEARYSGGGSGGGSAWSHPQFEKGGG
SGGGSGGSAWSHPQFEKGSHHHHHHHHHH
;
_entity_poly.pdbx_strand_id   A
#
# COMPACT_ATOMS: atom_id res chain seq x y z
N TRP A 141 -28.44 3.56 -44.32
CA TRP A 141 -28.82 3.39 -42.89
C TRP A 141 -27.91 2.34 -42.27
N ARG A 142 -27.27 2.66 -41.14
CA ARG A 142 -26.46 1.65 -40.43
C ARG A 142 -27.06 1.54 -39.03
N SER A 143 -27.53 0.36 -38.62
CA SER A 143 -28.18 0.27 -37.31
C SER A 143 -27.19 0.82 -36.29
N PRO A 144 -27.63 1.40 -35.17
CA PRO A 144 -26.69 1.77 -34.13
C PRO A 144 -26.02 0.48 -33.62
N TRP A 145 -26.63 -0.70 -33.81
CA TRP A 145 -26.16 -2.01 -33.27
C TRP A 145 -25.04 -2.68 -34.07
N ALA A 146 -24.86 -2.37 -35.35
CA ALA A 146 -23.84 -3.02 -36.20
C ALA A 146 -22.41 -2.74 -35.76
N ILE A 147 -21.50 -3.71 -35.93
CA ILE A 147 -20.06 -3.47 -35.62
C ILE A 147 -19.23 -4.02 -36.79
N SER A 148 -18.10 -3.38 -37.08
CA SER A 148 -17.23 -3.87 -38.16
C SER A 148 -16.34 -4.99 -37.62
N VAL A 149 -15.96 -5.92 -38.48
CA VAL A 149 -15.10 -7.02 -38.07
C VAL A 149 -13.84 -6.49 -37.38
N PHE A 150 -13.29 -5.40 -37.91
CA PHE A 150 -12.10 -4.80 -37.31
C PHE A 150 -12.38 -4.30 -35.90
N ALA A 151 -13.49 -3.59 -35.69
CA ALA A 151 -13.73 -3.01 -34.36
C ALA A 151 -14.21 -4.06 -33.36
N PHE A 152 -14.91 -5.11 -33.78
CA PHE A 152 -15.29 -6.20 -32.84
C PHE A 152 -14.04 -6.95 -32.35
N VAL A 153 -13.12 -7.27 -33.24
CA VAL A 153 -11.95 -8.07 -32.82
C VAL A 153 -11.12 -7.20 -31.86
N THR A 154 -10.92 -5.92 -32.18
CA THR A 154 -10.14 -5.00 -31.32
C THR A 154 -10.85 -4.84 -29.98
N SER A 155 -12.17 -4.74 -29.98
CA SER A 155 -12.95 -4.67 -28.73
C SER A 155 -12.88 -5.95 -27.90
N LEU A 156 -12.96 -7.12 -28.51
CA LEU A 156 -12.93 -8.44 -27.79
C LEU A 156 -11.55 -8.71 -27.22
N LEU A 157 -10.47 -8.34 -27.92
CA LEU A 157 -9.10 -8.52 -27.39
C LEU A 157 -8.94 -7.63 -26.18
N GLY A 158 -9.57 -6.46 -26.16
CA GLY A 158 -9.57 -5.59 -24.98
C GLY A 158 -10.38 -6.12 -23.84
N ILE A 159 -11.58 -6.61 -24.10
CA ILE A 159 -12.37 -7.26 -23.02
C ILE A 159 -11.62 -8.53 -22.59
N GLY A 160 -10.98 -9.25 -23.50
CA GLY A 160 -10.20 -10.46 -23.18
C GLY A 160 -9.00 -10.20 -22.32
N LEU A 161 -8.25 -9.13 -22.56
CA LEU A 161 -7.11 -8.75 -21.69
C LEU A 161 -7.57 -8.23 -20.32
N LEU A 162 -8.73 -7.60 -20.21
CA LEU A 162 -9.23 -7.09 -18.92
C LEU A 162 -9.72 -8.28 -18.12
N LEU A 163 -10.21 -9.32 -18.76
CA LEU A 163 -10.60 -10.54 -18.01
C LEU A 163 -9.35 -11.34 -17.64
N ALA A 164 -8.29 -11.31 -18.43
CA ALA A 164 -7.01 -11.97 -18.08
C ALA A 164 -6.31 -11.24 -16.95
N VAL A 165 -6.24 -9.92 -17.00
CA VAL A 165 -5.53 -9.13 -15.96
C VAL A 165 -6.25 -9.32 -14.65
N ILE A 166 -7.57 -9.26 -14.63
CA ILE A 166 -8.38 -9.38 -13.39
C ILE A 166 -8.25 -10.78 -12.84
N HIS A 167 -8.36 -11.81 -13.67
CA HIS A 167 -8.26 -13.21 -13.21
C HIS A 167 -6.86 -13.51 -12.70
N SER A 168 -5.83 -13.05 -13.37
CA SER A 168 -4.46 -13.40 -12.98
C SER A 168 -4.06 -12.58 -11.76
N SER A 169 -4.98 -11.76 -11.27
CA SER A 169 -4.65 -10.88 -10.13
C SER A 169 -5.43 -11.39 -8.92
N VAL A 170 -6.39 -12.27 -9.18
CA VAL A 170 -7.19 -12.90 -8.13
C VAL A 170 -6.73 -14.32 -7.99
N THR A 171 -6.01 -14.88 -8.96
CA THR A 171 -5.68 -16.31 -8.93
C THR A 171 -4.18 -16.58 -9.02
N ARG A 172 -3.40 -15.74 -9.66
CA ARG A 172 -1.97 -16.02 -9.91
C ARG A 172 -1.04 -15.16 -9.11
N GLN A 173 0.10 -15.73 -8.69
CA GLN A 173 1.11 -15.01 -7.84
C GLN A 173 0.42 -14.47 -6.58
N ILE A 174 -0.24 -15.34 -5.82
CA ILE A 174 -1.00 -14.89 -4.62
C ILE A 174 -0.25 -15.37 -3.38
N ASP A 175 -0.13 -14.50 -2.38
CA ASP A 175 0.64 -14.82 -1.17
C ASP A 175 -0.19 -15.70 -0.25
N PRO A 176 0.42 -16.52 0.65
CA PRO A 176 -0.36 -17.32 1.55
C PRO A 176 -0.97 -16.50 2.70
N LYS A 177 -2.15 -16.87 3.17
CA LYS A 177 -2.83 -16.12 4.26
C LYS A 177 -2.61 -16.83 5.61
N GLY A 178 -1.72 -16.29 6.43
CA GLY A 178 -1.42 -16.91 7.72
C GLY A 178 -1.98 -16.15 8.87
N CYS A 179 -2.85 -15.21 8.59
CA CYS A 179 -3.46 -14.38 9.63
C CYS A 179 -4.36 -15.26 10.49
N ARG A 180 -4.23 -15.18 11.81
CA ARG A 180 -5.07 -15.92 12.77
C ARG A 180 -6.05 -14.96 13.41
N MET A 181 -7.34 -15.34 13.46
CA MET A 181 -8.40 -14.48 14.07
C MET A 181 -8.05 -14.17 15.53
N SER A 182 -8.46 -12.99 16.01
CA SER A 182 -8.18 -12.58 17.41
C SER A 182 -9.49 -12.57 18.20
N TYR A 183 -9.48 -13.13 19.42
CA TYR A 183 -10.71 -13.20 20.25
C TYR A 183 -10.54 -12.26 21.45
N MET A 184 -11.52 -11.37 21.68
CA MET A 184 -11.40 -10.37 22.77
C MET A 184 -12.78 -10.05 23.35
N ARG A 185 -12.82 -9.49 24.56
CA ARG A 185 -14.12 -9.06 25.17
C ARG A 185 -14.29 -7.56 24.94
N PRO A 186 -15.09 -7.05 23.95
CA PRO A 186 -15.15 -5.62 23.69
C PRO A 186 -16.08 -4.71 24.50
N SER A 187 -15.63 -3.52 24.85
CA SER A 187 -16.50 -2.50 25.50
C SER A 187 -15.98 -1.15 25.05
N TYR A 188 -16.85 -0.17 24.82
CA TYR A 188 -16.38 1.19 24.48
C TYR A 188 -17.13 2.18 25.35
N ALA A 189 -16.43 3.15 25.91
CA ALA A 189 -17.04 4.18 26.76
C ALA A 189 -17.05 5.48 26.00
N LYS A 190 -18.21 6.06 25.79
CA LYS A 190 -18.33 7.30 25.00
C LYS A 190 -17.93 8.45 25.91
N LEU A 191 -16.97 9.23 25.46
CA LEU A 191 -16.50 10.43 26.17
C LEU A 191 -17.42 11.52 25.64
N SER A 192 -18.54 11.74 26.35
CA SER A 192 -19.56 12.71 25.88
C SER A 192 -19.39 14.08 26.53
N ASP A 193 -18.41 14.21 27.44
CA ASP A 193 -18.13 15.56 27.99
C ASP A 193 -17.66 16.41 26.80
N PHE A 194 -16.92 15.79 25.88
CA PHE A 194 -16.56 16.49 24.62
C PHE A 194 -17.88 16.78 23.91
N ASP A 195 -18.12 18.01 23.46
CA ASP A 195 -19.44 18.36 22.87
C ASP A 195 -19.29 19.52 21.90
N THR A 196 -20.41 20.09 21.49
CA THR A 196 -20.37 21.20 20.50
C THR A 196 -19.59 22.39 21.08
N GLU A 197 -19.39 22.42 22.39
CA GLU A 197 -18.58 23.52 23.00
C GLU A 197 -17.12 23.41 22.56
N HIS A 198 -16.58 22.19 22.51
CA HIS A 198 -15.15 21.99 22.15
C HIS A 198 -15.01 22.00 20.64
N THR A 199 -15.92 21.40 19.91
CA THR A 199 -15.86 21.52 18.44
C THR A 199 -17.26 21.43 17.84
N ARG A 200 -17.55 22.18 16.79
CA ARG A 200 -18.83 22.10 16.08
C ARG A 200 -18.97 20.77 15.36
N LEU A 201 -17.89 20.01 15.22
CA LEU A 201 -17.94 18.71 14.53
C LEU A 201 -18.23 17.60 15.54
N ALA A 202 -18.47 17.94 16.82
CA ALA A 202 -18.80 16.94 17.88
C ALA A 202 -20.21 16.44 17.69
N SER A 203 -21.09 17.26 17.19
CA SER A 203 -22.40 16.74 16.82
C SER A 203 -22.26 15.65 15.77
N LYS A 204 -21.25 15.74 14.92
CA LYS A 204 -21.06 14.78 13.84
C LYS A 204 -20.29 13.56 14.32
N TYR A 205 -19.18 13.77 15.01
CA TYR A 205 -18.29 12.68 15.39
C TYR A 205 -18.36 12.46 16.90
N SER A 206 -17.83 11.31 17.33
CA SER A 206 -17.79 10.93 18.72
C SER A 206 -16.40 10.44 19.08
N LEU A 207 -16.07 10.33 20.37
CA LEU A 207 -14.77 9.83 20.88
C LEU A 207 -15.13 8.76 21.87
N TYR A 208 -14.52 7.59 21.80
CA TYR A 208 -14.86 6.45 22.67
C TYR A 208 -13.56 5.99 23.25
N LEU A 209 -13.54 5.43 24.46
CA LEU A 209 -12.31 4.86 25.04
C LEU A 209 -12.55 3.37 25.20
N TYR A 210 -11.65 2.56 24.66
CA TYR A 210 -11.77 1.09 24.78
C TYR A 210 -11.54 0.69 26.20
N ARG A 211 -12.40 -0.17 26.70
CA ARG A 211 -12.21 -0.78 28.00
C ARG A 211 -12.34 -2.26 27.72
N GLU A 212 -11.31 -3.06 28.00
CA GLU A 212 -11.40 -4.53 27.85
C GLU A 212 -12.20 -5.07 29.02
N GLN A 213 -13.19 -5.89 28.77
CA GLN A 213 -14.06 -6.34 29.86
C GLN A 213 -13.33 -7.37 30.70
N GLY A 214 -13.24 -7.16 32.01
CA GLY A 214 -12.53 -8.05 32.94
C GLY A 214 -11.15 -7.53 33.34
N ILE A 215 -10.58 -6.58 32.60
CA ILE A 215 -9.27 -5.97 32.95
C ILE A 215 -9.48 -4.48 33.21
N ASP A 216 -10.53 -3.91 32.64
CA ASP A 216 -10.83 -2.45 32.79
C ASP A 216 -12.19 -2.33 33.46
N HIS A 217 -12.28 -1.68 34.63
CA HIS A 217 -13.56 -1.67 35.40
C HIS A 217 -14.01 -0.23 35.65
N ASP A 218 -13.29 0.75 35.13
CA ASP A 218 -13.66 2.17 35.26
C ASP A 218 -13.34 2.92 33.97
N VAL A 219 -14.06 4.01 33.66
CA VAL A 219 -13.68 4.89 32.52
C VAL A 219 -12.66 5.85 33.10
N LYS A 220 -11.52 5.35 33.56
CA LYS A 220 -10.51 6.23 34.18
C LYS A 220 -9.16 5.97 33.49
N VAL A 221 -8.43 7.03 33.20
CA VAL A 221 -7.15 6.91 32.49
C VAL A 221 -6.00 6.74 33.50
N ARG A 222 -5.32 5.58 33.46
CA ARG A 222 -4.19 5.27 34.34
C ARG A 222 -2.89 5.18 33.55
N GLY A 223 -2.94 5.25 32.21
CA GLY A 223 -1.71 5.07 31.43
C GLY A 223 -1.44 6.09 30.36
N VAL A 224 -0.70 5.72 29.31
CA VAL A 224 -0.28 6.64 28.21
C VAL A 224 -1.33 6.76 27.11
N PRO A 225 -1.75 7.98 26.69
CA PRO A 225 -2.78 8.12 25.65
C PRO A 225 -2.47 7.65 24.22
N VAL A 226 -3.32 6.81 23.63
CA VAL A 226 -3.12 6.29 22.24
C VAL A 226 -4.39 6.51 21.42
N LEU A 227 -4.34 7.09 20.25
CA LEU A 227 -5.56 7.37 19.45
C LEU A 227 -5.56 6.53 18.19
N PHE A 228 -6.62 5.80 17.91
CA PHE A 228 -6.71 5.05 16.64
C PHE A 228 -7.60 5.86 15.71
N ILE A 229 -7.07 6.29 14.58
CA ILE A 229 -7.92 6.96 13.59
C ILE A 229 -8.36 5.91 12.60
N PRO A 230 -9.66 5.49 12.58
CA PRO A 230 -10.14 4.54 11.62
C PRO A 230 -10.04 5.09 10.19
N GLY A 231 -10.04 4.21 9.20
CA GLY A 231 -9.90 4.65 7.82
C GLY A 231 -11.20 4.87 7.08
N ASN A 232 -11.17 4.78 5.76
CA ASN A 232 -12.38 4.98 4.91
C ASN A 232 -13.41 3.92 5.28
N ALA A 233 -14.65 4.30 5.50
CA ALA A 233 -15.68 3.26 5.76
C ALA A 233 -15.19 2.34 6.86
N GLY A 234 -14.61 2.92 7.91
CA GLY A 234 -14.04 2.06 8.96
C GLY A 234 -14.70 2.39 10.27
N SER A 235 -14.67 1.45 11.18
CA SER A 235 -15.37 1.66 12.46
C SER A 235 -14.39 2.09 13.54
N TYR A 236 -14.93 2.59 14.64
CA TYR A 236 -14.06 2.86 15.79
C TYR A 236 -13.82 1.50 16.46
N LYS A 237 -14.60 0.48 16.08
CA LYS A 237 -14.49 -0.85 16.74
C LYS A 237 -13.41 -1.66 16.10
N GLN A 238 -12.78 -1.17 15.04
CA GLN A 238 -11.69 -1.94 14.41
C GLN A 238 -10.51 -1.93 15.34
N VAL A 239 -10.51 -1.06 16.36
CA VAL A 239 -9.41 -1.01 17.36
C VAL A 239 -9.57 -2.18 18.34
N ARG A 240 -10.58 -3.03 18.15
CA ARG A 240 -10.85 -4.15 19.09
C ARG A 240 -9.58 -4.98 19.38
N PRO A 241 -8.88 -5.61 18.39
CA PRO A 241 -7.74 -6.49 18.70
C PRO A 241 -6.49 -5.81 19.27
N ILE A 242 -6.09 -4.67 18.70
CA ILE A 242 -4.85 -3.99 19.14
C ILE A 242 -5.00 -3.53 20.59
N ALA A 243 -6.14 -2.93 20.91
CA ALA A 243 -6.39 -2.45 22.29
C ALA A 243 -6.48 -3.64 23.26
N ALA A 244 -7.12 -4.73 22.84
CA ALA A 244 -7.30 -5.90 23.74
C ALA A 244 -5.96 -6.53 24.11
N GLU A 245 -5.06 -6.68 23.14
CA GLU A 245 -3.76 -7.35 23.40
C GLU A 245 -2.93 -6.44 24.32
N ALA A 246 -3.19 -5.13 24.29
CA ALA A 246 -2.37 -4.21 25.04
C ALA A 246 -2.92 -4.25 26.40
N ALA A 247 -4.22 -4.42 26.48
CA ALA A 247 -4.78 -4.57 27.83
C ALA A 247 -4.34 -5.88 28.48
N ASN A 248 -4.28 -6.97 27.71
CA ASN A 248 -4.02 -8.31 28.29
C ASN A 248 -2.56 -8.57 28.63
N TYR A 249 -1.64 -7.88 27.99
CA TYR A 249 -0.19 -7.97 28.22
C TYR A 249 0.21 -7.27 29.50
N PHE A 250 -0.32 -6.11 29.77
CA PHE A 250 -0.05 -5.36 31.00
C PHE A 250 -0.69 -6.06 32.17
N HIS A 251 -1.85 -6.59 31.98
CA HIS A 251 -2.48 -7.38 33.04
C HIS A 251 -1.77 -8.67 33.32
N ASP A 252 -1.23 -9.34 32.33
CA ASP A 252 -0.67 -10.69 32.54
C ASP A 252 0.82 -10.69 32.75
N VAL A 253 1.55 -9.78 32.12
CA VAL A 253 3.03 -9.80 32.17
C VAL A 253 3.59 -8.56 32.86
N LEU A 254 3.34 -7.38 32.34
CA LEU A 254 3.98 -6.12 32.80
C LEU A 254 3.65 -5.60 34.19
N GLN A 255 2.41 -5.70 34.67
CA GLN A 255 2.09 -5.10 36.00
C GLN A 255 3.01 -5.74 37.04
N HIS A 256 3.38 -7.01 36.87
CA HIS A 256 4.25 -7.72 37.84
C HIS A 256 5.68 -7.20 37.76
N ASP A 257 6.12 -6.78 36.56
CA ASP A 257 7.49 -6.23 36.39
C ASP A 257 7.64 -4.93 37.21
N GLU A 258 8.73 -4.81 37.97
CA GLU A 258 8.96 -3.61 38.80
C GLU A 258 9.98 -2.74 38.09
N ALA A 259 10.89 -3.36 37.36
CA ALA A 259 11.86 -2.58 36.58
C ALA A 259 11.14 -1.85 35.46
N ALA A 260 10.24 -2.57 34.77
CA ALA A 260 9.53 -1.96 33.63
C ALA A 260 8.61 -0.86 34.15
N LEU A 261 7.87 -1.11 35.23
CA LEU A 261 7.08 -0.02 35.83
C LEU A 261 8.03 1.12 36.23
N ARG A 262 9.16 0.78 36.86
CA ARG A 262 10.09 1.83 37.38
C ARG A 262 10.63 2.69 36.25
N ALA A 263 11.17 2.05 35.23
CA ALA A 263 11.70 2.79 34.04
C ALA A 263 10.62 3.60 33.34
N GLY A 264 9.35 3.38 33.65
CA GLY A 264 8.31 4.25 33.07
C GLY A 264 7.30 3.55 32.22
N VAL A 265 7.26 2.23 32.20
CA VAL A 265 6.18 1.57 31.42
C VAL A 265 4.88 1.62 32.20
N ARG A 266 3.82 2.20 31.61
CA ARG A 266 2.47 2.15 32.21
C ARG A 266 1.56 1.58 31.14
N SER A 267 0.29 1.39 31.45
CA SER A 267 -0.67 0.79 30.50
C SER A 267 -0.86 1.74 29.34
N LEU A 268 -1.36 1.25 28.22
CA LEU A 268 -1.74 2.21 27.16
C LEU A 268 -3.26 2.39 27.18
N ASP A 269 -3.74 3.60 26.96
CA ASP A 269 -5.18 3.94 27.02
C ASP A 269 -5.63 4.19 25.60
N PHE A 270 -6.57 3.39 25.09
CA PHE A 270 -6.84 3.45 23.64
C PHE A 270 -8.13 4.20 23.33
N PHE A 271 -8.01 5.38 22.75
CA PHE A 271 -9.20 6.17 22.44
C PHE A 271 -9.47 5.95 20.97
N THR A 272 -10.72 5.94 20.55
CA THR A 272 -11.04 5.63 19.15
C THR A 272 -12.07 6.65 18.66
N VAL A 273 -12.04 7.04 17.39
CA VAL A 273 -12.95 8.09 16.86
C VAL A 273 -14.05 7.50 15.98
N ASP A 274 -15.30 7.85 16.24
CA ASP A 274 -16.37 7.40 15.34
C ASP A 274 -16.49 8.49 14.30
N PHE A 275 -16.18 8.17 13.07
CA PHE A 275 -16.29 9.13 11.97
C PHE A 275 -17.52 8.70 11.20
N ASN A 276 -18.47 8.04 11.85
CA ASN A 276 -19.77 7.71 11.21
C ASN A 276 -19.55 6.98 9.89
N GLU A 277 -18.56 6.09 9.83
CA GLU A 277 -18.19 5.39 8.57
C GLU A 277 -18.19 6.37 7.40
N ASP A 278 -17.50 7.50 7.54
CA ASP A 278 -17.41 8.55 6.49
C ASP A 278 -16.53 8.02 5.38
N ILE A 279 -16.63 8.55 4.16
CA ILE A 279 -15.71 8.08 3.09
C ILE A 279 -14.74 9.20 2.80
N THR A 280 -13.59 9.22 3.47
CA THR A 280 -12.58 10.30 3.33
C THR A 280 -11.95 10.31 1.95
N ALA A 281 -11.69 9.16 1.32
CA ALA A 281 -10.91 9.15 0.07
C ALA A 281 -11.58 9.92 -1.06
N PHE A 282 -12.87 10.21 -0.95
CA PHE A 282 -13.60 10.82 -2.08
C PHE A 282 -14.10 12.21 -1.72
N HIS A 283 -13.97 12.62 -0.49
CA HIS A 283 -14.43 13.98 -0.19
C HIS A 283 -13.29 14.61 0.57
N GLY A 284 -12.72 15.67 0.00
CA GLY A 284 -11.53 16.30 0.61
C GLY A 284 -11.90 17.06 1.87
N GLN A 285 -13.07 17.70 1.89
CA GLN A 285 -13.50 18.50 3.06
C GLN A 285 -13.64 17.58 4.28
N THR A 286 -14.15 16.37 4.09
CA THR A 286 -14.36 15.41 5.22
C THR A 286 -13.02 15.11 5.88
N LEU A 287 -11.97 14.89 5.08
CA LEU A 287 -10.63 14.56 5.63
C LEU A 287 -10.14 15.72 6.50
N LEU A 288 -10.31 16.96 6.03
CA LEU A 288 -9.83 18.16 6.77
C LEU A 288 -10.65 18.35 8.05
N ASP A 289 -11.96 18.13 7.96
CA ASP A 289 -12.84 18.27 9.14
C ASP A 289 -12.44 17.24 10.20
N GLN A 290 -12.13 16.02 9.78
CA GLN A 290 -11.73 14.94 10.73
C GLN A 290 -10.43 15.35 11.43
N ALA A 291 -9.47 15.92 10.69
CA ALA A 291 -8.18 16.31 11.28
C ALA A 291 -8.40 17.41 12.34
N GLU A 292 -9.27 18.37 12.04
CA GLU A 292 -9.58 19.47 13.00
C GLU A 292 -10.21 18.87 14.26
N TYR A 293 -11.13 17.92 14.09
CA TYR A 293 -11.85 17.30 15.24
C TYR A 293 -10.85 16.56 16.13
N LEU A 294 -9.86 15.88 15.53
CA LEU A 294 -8.89 15.07 16.29
C LEU A 294 -7.87 15.96 16.98
N ASN A 295 -7.59 17.14 16.45
CA ASN A 295 -6.62 18.06 17.08
C ASN A 295 -7.28 18.56 18.35
N GLU A 296 -8.57 18.74 18.32
CA GLU A 296 -9.34 19.12 19.52
C GLU A 296 -9.39 17.98 20.53
N ALA A 297 -9.61 16.76 20.06
CA ALA A 297 -9.69 15.58 20.93
C ALA A 297 -8.34 15.34 21.59
N ILE A 298 -7.25 15.54 20.89
CA ILE A 298 -5.90 15.41 21.47
C ILE A 298 -5.78 16.45 22.57
N ARG A 299 -6.36 17.64 22.43
CA ARG A 299 -6.38 18.66 23.51
C ARG A 299 -7.33 18.26 24.63
N TYR A 300 -8.44 17.60 24.32
CA TYR A 300 -9.44 17.17 25.33
C TYR A 300 -8.95 15.96 26.09
N ILE A 301 -8.20 15.10 25.44
CA ILE A 301 -7.65 13.93 26.11
C ILE A 301 -6.63 14.36 27.16
N LEU A 302 -5.68 15.12 26.71
CA LEU A 302 -4.56 15.45 27.59
C LEU A 302 -5.18 16.14 28.79
N SER A 303 -6.42 16.61 28.65
CA SER A 303 -7.12 17.37 29.73
C SER A 303 -7.80 16.44 30.73
N LEU A 304 -7.96 15.18 30.37
CA LEU A 304 -8.55 14.16 31.27
C LEU A 304 -7.47 13.61 32.17
N TYR A 305 -6.21 13.94 31.89
CA TYR A 305 -5.07 13.41 32.66
C TYR A 305 -4.69 14.45 33.69
N LEU A 306 -5.32 15.61 33.59
CA LEU A 306 -5.11 16.66 34.61
C LEU A 306 -6.28 16.57 35.57
N ASP A 307 -7.26 15.69 35.32
CA ASP A 307 -8.50 15.64 36.13
C ASP A 307 -8.56 14.48 37.11
N PRO A 308 -8.69 14.73 38.44
CA PRO A 308 -8.70 13.67 39.46
C PRO A 308 -9.81 12.61 39.36
N ARG A 309 -10.99 12.96 38.87
CA ARG A 309 -12.10 11.99 38.80
C ARG A 309 -11.99 11.13 37.54
N VAL A 310 -11.30 11.61 36.51
CA VAL A 310 -11.09 10.80 35.30
C VAL A 310 -9.64 10.36 35.21
N SER A 311 -8.81 10.65 36.22
CA SER A 311 -7.41 10.14 36.18
C SER A 311 -7.10 9.31 37.43
N GLU A 312 -6.40 8.18 37.24
CA GLU A 312 -5.95 7.42 38.42
C GLU A 312 -4.48 7.14 38.23
N ARG A 313 -3.63 8.14 38.36
CA ARG A 313 -2.21 7.78 38.12
C ARG A 313 -1.29 8.39 39.17
N ASP A 314 -0.05 7.91 39.26
CA ASP A 314 0.94 8.35 40.27
C ASP A 314 1.31 9.82 40.09
N PRO A 315 1.72 10.55 41.17
CA PRO A 315 1.91 12.00 41.12
C PRO A 315 3.28 12.62 40.83
N ASP A 316 4.29 11.79 40.61
CA ASP A 316 5.64 12.29 40.29
C ASP A 316 5.67 12.36 38.79
N LEU A 317 4.66 11.73 38.17
CA LEU A 317 4.62 11.53 36.73
C LEU A 317 4.17 12.82 36.12
N PRO A 318 4.96 13.37 35.19
CA PRO A 318 4.61 14.57 34.50
C PRO A 318 3.26 14.44 33.79
N ASP A 319 2.46 15.51 33.72
CA ASP A 319 1.17 15.50 32.96
C ASP A 319 1.44 15.32 31.48
N PRO A 320 0.73 14.41 30.78
CA PRO A 320 1.02 14.09 29.39
C PRO A 320 0.83 15.20 28.37
N THR A 321 1.79 15.39 27.49
CA THR A 321 1.71 16.47 26.49
C THR A 321 1.62 15.86 25.10
N SER A 322 1.55 14.53 24.99
CA SER A 322 1.52 13.86 23.69
C SER A 322 0.57 12.67 23.64
N VAL A 323 -0.02 12.40 22.48
CA VAL A 323 -0.83 11.18 22.23
C VAL A 323 -0.10 10.40 21.12
N ILE A 324 -0.06 9.07 21.17
CA ILE A 324 0.57 8.22 20.11
C ILE A 324 -0.53 7.93 19.10
N VAL A 325 -0.35 8.29 17.84
CA VAL A 325 -1.46 8.14 16.87
C VAL A 325 -1.27 6.91 15.99
N LEU A 326 -2.22 5.97 16.01
CA LEU A 326 -2.17 4.79 15.12
C LEU A 326 -3.26 4.95 14.07
N GLY A 327 -2.92 5.07 12.80
CA GLY A 327 -3.92 5.32 11.77
C GLY A 327 -4.03 4.20 10.76
N HIS A 328 -5.20 3.59 10.59
CA HIS A 328 -5.39 2.59 9.53
C HIS A 328 -5.89 3.27 8.26
N SER A 329 -5.40 2.89 7.10
CA SER A 329 -5.86 3.39 5.80
C SER A 329 -5.79 4.90 5.78
N MET A 330 -6.89 5.56 5.47
CA MET A 330 -6.86 7.01 5.32
C MET A 330 -6.67 7.68 6.69
N GLY A 331 -6.73 6.95 7.79
CA GLY A 331 -6.44 7.50 9.12
C GLY A 331 -4.99 7.84 9.29
N GLY A 332 -4.08 7.32 8.48
CA GLY A 332 -2.67 7.70 8.53
C GLY A 332 -2.51 8.99 7.78
N ILE A 333 -3.39 9.29 6.85
CA ILE A 333 -3.42 10.61 6.17
C ILE A 333 -4.08 11.64 7.07
N VAL A 334 -5.13 11.30 7.81
CA VAL A 334 -5.80 12.21 8.77
C VAL A 334 -4.82 12.54 9.86
N ALA A 335 -3.98 11.60 10.25
CA ALA A 335 -2.93 11.79 11.27
C ALA A 335 -1.85 12.78 10.85
N ARG A 336 -1.38 12.72 9.63
CA ARG A 336 -0.31 13.64 9.13
C ARG A 336 -0.93 15.01 8.85
N THR A 337 -2.20 15.07 8.46
CA THR A 337 -2.91 16.35 8.13
C THR A 337 -3.01 17.19 9.36
N MET A 338 -3.17 16.58 10.52
CA MET A 338 -3.30 17.28 11.80
C MET A 338 -2.08 18.15 12.06
N LEU A 339 -0.88 17.70 11.74
CA LEU A 339 0.37 18.43 12.03
C LEU A 339 0.48 19.71 11.16
N ILE A 340 -0.24 19.79 10.04
CA ILE A 340 -0.28 20.97 9.12
C ILE A 340 -1.54 21.81 9.35
N MET A 341 -2.40 21.47 10.32
CA MET A 341 -3.70 22.18 10.52
C MET A 341 -3.54 23.42 11.40
N PRO A 342 -4.37 24.48 11.27
CA PRO A 342 -4.22 25.64 12.12
C PRO A 342 -4.43 25.41 13.62
N ASN A 343 -5.20 24.38 14.03
CA ASN A 343 -5.53 24.12 15.45
C ASN A 343 -4.64 23.10 16.10
N TYR A 344 -3.48 22.82 15.54
CA TYR A 344 -2.57 21.79 16.06
C TYR A 344 -1.71 22.31 17.20
N GLN A 345 -1.73 21.62 18.35
CA GLN A 345 -0.82 21.98 19.46
C GLN A 345 0.58 21.63 19.02
N HIS A 346 1.59 22.40 19.39
CA HIS A 346 2.97 22.23 18.92
C HIS A 346 3.54 20.84 19.05
N ASN A 347 3.54 20.20 20.23
CA ASN A 347 4.24 18.89 20.35
C ASN A 347 3.23 17.77 20.68
N SER A 348 1.99 17.90 20.17
CA SER A 348 0.90 16.93 20.50
C SER A 348 1.19 15.51 20.02
N ILE A 349 1.74 15.41 18.82
CA ILE A 349 1.98 14.05 18.24
C ILE A 349 3.49 13.91 18.03
N ASN A 350 4.05 12.81 18.52
CA ASN A 350 5.49 12.56 18.29
C ASN A 350 5.60 11.27 17.49
N THR A 351 4.75 10.29 17.73
CA THR A 351 4.89 8.97 17.09
C THR A 351 3.63 8.73 16.27
N ILE A 352 3.74 8.48 14.97
CA ILE A 352 2.56 8.07 14.14
C ILE A 352 2.87 6.67 13.59
N ILE A 353 2.12 5.66 13.96
CA ILE A 353 2.30 4.30 13.38
C ILE A 353 1.08 4.04 12.52
N THR A 354 1.26 3.98 11.21
CA THR A 354 0.17 3.84 10.25
C THR A 354 0.17 2.45 9.63
N MET A 355 -1.01 1.87 9.51
CA MET A 355 -1.18 0.55 8.90
C MET A 355 -1.90 0.69 7.57
N SER A 356 -1.22 0.33 6.49
CA SER A 356 -1.78 0.33 5.14
C SER A 356 -2.29 1.71 4.75
N ALA A 357 -1.51 2.74 5.07
CA ALA A 357 -1.88 4.10 4.77
C ALA A 357 -1.19 4.57 3.50
N PRO A 358 -1.92 5.13 2.53
CA PRO A 358 -1.31 5.60 1.27
C PRO A 358 -0.65 6.97 1.37
N HIS A 359 0.60 6.97 1.83
CA HIS A 359 1.32 8.26 2.03
C HIS A 359 1.82 8.84 0.71
N ALA A 360 2.33 8.01 -0.19
CA ALA A 360 2.94 8.51 -1.44
C ALA A 360 1.93 9.27 -2.32
N ARG A 361 0.83 8.64 -2.71
CA ARG A 361 -0.09 9.33 -3.63
C ARG A 361 -1.55 9.02 -3.24
N PRO A 362 -2.53 9.89 -3.56
CA PRO A 362 -3.94 9.60 -3.26
C PRO A 362 -4.40 8.33 -3.97
N PRO A 363 -5.17 7.44 -3.30
CA PRO A 363 -5.69 6.23 -3.94
C PRO A 363 -6.60 6.63 -5.10
N VAL A 364 -7.43 7.66 -4.90
CA VAL A 364 -8.34 8.15 -5.97
C VAL A 364 -8.16 9.67 -6.12
N SER A 365 -8.27 10.17 -7.36
CA SER A 365 -8.10 11.63 -7.62
C SER A 365 -9.46 12.26 -7.94
N PHE A 366 -10.55 11.57 -7.61
CA PHE A 366 -11.91 12.07 -7.94
C PHE A 366 -12.16 13.43 -7.26
N ASP A 367 -11.67 13.59 -6.02
CA ASP A 367 -11.87 14.87 -5.29
C ASP A 367 -10.62 15.74 -5.39
N GLY A 368 -10.78 16.99 -5.82
CA GLY A 368 -9.65 17.92 -5.93
C GLY A 368 -9.00 18.22 -4.59
N GLN A 369 -9.82 18.37 -3.55
CA GLN A 369 -9.27 18.73 -2.21
C GLN A 369 -8.34 17.63 -1.71
N ILE A 370 -8.66 16.35 -1.98
CA ILE A 370 -7.74 15.26 -1.57
C ILE A 370 -6.40 15.43 -2.29
N VAL A 371 -6.39 15.79 -3.56
CA VAL A 371 -5.15 15.99 -4.34
C VAL A 371 -4.35 17.16 -3.77
N GLN A 372 -4.98 18.27 -3.42
CA GLN A 372 -4.29 19.41 -2.74
C GLN A 372 -3.87 19.07 -1.31
N THR A 373 -4.67 18.38 -0.53
CA THR A 373 -4.20 18.07 0.83
C THR A 373 -2.92 17.26 0.72
N TYR A 374 -2.85 16.29 -0.17
CA TYR A 374 -1.67 15.42 -0.24
C TYR A 374 -0.50 16.28 -0.63
N LYS A 375 -0.69 17.24 -1.51
CA LYS A 375 0.39 18.12 -2.00
C LYS A 375 0.86 19.03 -0.88
N ASP A 376 0.08 19.21 0.17
CA ASP A 376 0.39 20.12 1.30
C ASP A 376 1.04 19.31 2.41
N ILE A 377 0.52 18.14 2.76
CA ILE A 377 1.10 17.26 3.80
C ILE A 377 2.42 16.67 3.27
N ASN A 378 2.48 16.29 2.01
CA ASN A 378 3.69 15.71 1.37
C ASN A 378 4.75 16.77 1.25
N ASN A 379 4.37 17.98 0.83
CA ASN A 379 5.32 19.11 0.76
C ASN A 379 5.79 19.52 2.14
N TYR A 380 4.93 19.54 3.14
CA TYR A 380 5.28 19.98 4.51
C TYR A 380 6.35 19.07 5.07
N TRP A 381 6.27 17.78 4.78
CA TRP A 381 7.15 16.77 5.38
C TRP A 381 8.49 16.83 4.70
N ARG A 382 8.51 17.16 3.44
CA ARG A 382 9.75 17.19 2.63
C ARG A 382 10.48 18.50 2.83
N HIS A 383 9.76 19.59 3.04
CA HIS A 383 10.44 20.89 3.31
C HIS A 383 10.96 20.91 4.73
N ALA A 384 10.23 20.31 5.66
CA ALA A 384 10.65 20.26 7.07
C ALA A 384 11.92 19.48 7.22
N TYR A 385 12.05 18.35 6.55
CA TYR A 385 13.23 17.47 6.75
C TYR A 385 14.38 17.98 5.91
N SER A 386 14.09 18.86 4.97
CA SER A 386 15.13 19.50 4.14
C SER A 386 15.89 20.51 4.98
N GLN A 387 15.26 21.01 6.04
CA GLN A 387 15.87 22.07 6.84
C GLN A 387 17.18 21.57 7.45
N LYS A 388 18.25 22.36 7.30
CA LYS A 388 19.59 22.00 7.81
C LYS A 388 19.57 22.04 9.32
N TRP A 389 18.91 23.04 9.88
CA TRP A 389 18.94 23.19 11.34
C TRP A 389 17.69 22.59 11.97
N ALA A 390 17.87 21.71 12.94
CA ALA A 390 16.78 20.98 13.61
C ALA A 390 15.80 21.92 14.29
N ASN A 391 16.24 23.11 14.65
CA ASN A 391 15.30 24.10 15.23
C ASN A 391 14.26 24.44 14.19
N ASP A 392 14.69 24.67 12.95
CA ASP A 392 13.77 25.02 11.84
C ASP A 392 12.83 23.85 11.55
N ASN A 393 13.30 22.60 11.60
CA ASN A 393 12.47 21.39 11.38
C ASN A 393 11.35 21.36 12.41
N PRO A 394 10.05 21.47 11.99
CA PRO A 394 8.93 21.39 12.89
C PRO A 394 8.58 19.94 13.18
N LEU A 395 9.15 19.01 12.42
CA LEU A 395 8.85 17.58 12.53
C LEU A 395 10.08 16.82 12.99
N TRP A 396 10.99 17.43 13.74
CA TRP A 396 12.21 16.78 14.29
C TRP A 396 11.94 15.70 15.32
N HIS A 397 10.95 15.86 16.18
CA HIS A 397 10.72 14.89 17.26
C HIS A 397 9.63 13.93 16.83
N VAL A 398 9.23 13.97 15.56
CA VAL A 398 8.13 13.14 15.01
C VAL A 398 8.72 11.93 14.31
N THR A 399 8.06 10.79 14.39
CA THR A 399 8.51 9.53 13.77
C THR A 399 7.32 8.94 13.03
N LEU A 400 7.43 8.60 11.75
CA LEU A 400 6.30 7.93 11.07
C LEU A 400 6.75 6.53 10.69
N VAL A 401 6.05 5.51 11.13
CA VAL A 401 6.35 4.12 10.65
C VAL A 401 5.14 3.72 9.83
N SER A 402 5.32 3.52 8.54
CA SER A 402 4.23 3.11 7.64
C SER A 402 4.37 1.63 7.43
N ILE A 403 3.48 0.84 8.02
CA ILE A 403 3.44 -0.63 7.81
C ILE A 403 2.48 -0.90 6.65
N ALA A 404 2.76 -1.92 5.84
CA ALA A 404 1.92 -2.27 4.68
C ALA A 404 1.67 -3.76 4.61
N GLY A 405 0.48 -4.19 4.22
CA GLY A 405 0.12 -5.61 4.20
C GLY A 405 0.56 -6.34 2.97
N GLY A 406 1.14 -5.66 2.01
CA GLY A 406 1.70 -6.34 0.83
C GLY A 406 0.69 -6.69 -0.23
N GLY A 407 0.84 -7.85 -0.84
CA GLY A 407 -0.02 -8.27 -1.96
C GLY A 407 -1.46 -8.55 -1.60
N LEU A 408 -1.71 -9.16 -0.46
CA LEU A 408 -3.11 -9.57 -0.17
C LEU A 408 -3.96 -8.33 0.05
N ASP A 409 -3.35 -7.16 0.08
CA ASP A 409 -4.08 -5.89 0.26
C ASP A 409 -4.57 -5.42 -1.10
N THR A 410 -5.87 -5.54 -1.35
CA THR A 410 -6.48 -5.16 -2.65
C THR A 410 -7.07 -3.74 -2.63
N VAL A 411 -7.41 -3.20 -1.47
CA VAL A 411 -8.01 -1.85 -1.35
C VAL A 411 -7.01 -0.72 -1.64
N VAL A 412 -5.77 -0.82 -1.17
CA VAL A 412 -4.76 0.26 -1.33
C VAL A 412 -3.49 -0.33 -1.93
N PRO A 413 -2.92 0.15 -3.05
CA PRO A 413 -1.70 -0.46 -3.53
C PRO A 413 -0.62 -0.32 -2.45
N SER A 414 0.06 -1.38 -2.04
CA SER A 414 1.05 -1.25 -0.95
C SER A 414 2.22 -0.41 -1.41
N ASP A 415 2.30 -0.11 -2.69
CA ASP A 415 3.35 0.75 -3.25
C ASP A 415 3.17 2.20 -2.81
N TYR A 416 1.94 2.61 -2.52
CA TYR A 416 1.59 3.99 -2.16
C TYR A 416 1.86 4.19 -0.68
N ALA A 417 2.29 3.17 0.04
CA ALA A 417 2.50 3.23 1.49
C ALA A 417 3.92 3.61 1.79
N SER A 418 4.69 3.89 0.76
CA SER A 418 6.13 4.19 0.90
C SER A 418 6.37 5.62 1.34
N ILE A 419 7.15 5.80 2.40
CA ILE A 419 7.44 7.14 2.97
C ILE A 419 8.84 7.56 2.62
N GLU A 420 9.57 6.77 1.85
CA GLU A 420 11.00 7.07 1.54
C GLU A 420 11.15 8.49 1.03
N SER A 421 10.16 9.02 0.32
CA SER A 421 10.26 10.34 -0.31
C SER A 421 9.95 11.42 0.69
N LEU A 422 9.25 11.09 1.77
CA LEU A 422 8.82 12.10 2.76
C LEU A 422 9.63 12.12 4.05
N VAL A 423 10.00 10.97 4.62
CA VAL A 423 10.69 10.93 5.95
C VAL A 423 12.10 10.40 5.80
N PRO A 424 13.15 11.05 6.37
CA PRO A 424 14.51 10.51 6.36
C PRO A 424 14.56 9.22 7.17
N ASP A 425 15.52 8.33 6.94
CA ASP A 425 15.61 7.02 7.62
C ASP A 425 15.74 7.20 9.11
N THR A 426 16.28 8.32 9.54
CA THR A 426 16.43 8.67 10.96
C THR A 426 15.06 8.84 11.59
N HIS A 427 14.06 9.24 10.80
CA HIS A 427 12.74 9.58 11.37
C HIS A 427 11.66 8.61 10.90
N GLY A 428 12.01 7.50 10.31
CA GLY A 428 10.97 6.51 9.99
C GLY A 428 11.22 5.58 8.83
N PHE A 429 10.41 4.55 8.71
CA PHE A 429 10.58 3.54 7.63
C PHE A 429 9.27 2.93 7.16
N THR A 430 9.28 2.38 5.94
CA THR A 430 8.11 1.61 5.46
C THR A 430 8.50 0.15 5.55
N VAL A 431 7.78 -0.64 6.32
CA VAL A 431 8.05 -2.08 6.50
C VAL A 431 6.86 -2.84 5.96
N PHE A 432 7.08 -3.86 5.16
CA PHE A 432 5.96 -4.74 4.76
C PHE A 432 5.74 -5.69 5.91
N THR A 433 4.65 -6.40 5.94
CA THR A 433 4.32 -7.24 7.11
C THR A 433 4.92 -8.63 6.94
N SER A 434 5.62 -8.89 5.85
CA SER A 434 6.27 -10.18 5.57
C SER A 434 7.68 -10.21 6.18
N THR A 435 8.24 -9.06 6.48
CA THR A 435 9.58 -8.91 7.05
C THR A 435 9.46 -8.86 8.55
N ILE A 436 8.25 -8.60 9.06
CA ILE A 436 8.12 -8.39 10.52
C ILE A 436 8.40 -9.73 11.15
N PRO A 437 9.31 -9.88 12.14
CA PRO A 437 9.48 -11.17 12.82
C PRO A 437 8.24 -11.53 13.65
N ASN A 438 7.93 -12.83 13.79
CA ASN A 438 6.76 -13.31 14.57
C ASN A 438 5.46 -13.05 13.82
N VAL A 439 5.54 -12.64 12.54
CA VAL A 439 4.33 -12.42 11.70
C VAL A 439 4.61 -13.13 10.38
N TRP A 440 5.59 -12.64 9.60
CA TRP A 440 6.01 -13.32 8.35
C TRP A 440 4.86 -13.68 7.44
N THR A 441 3.93 -12.76 7.20
CA THR A 441 2.76 -13.07 6.36
C THR A 441 2.22 -11.77 5.77
N SER A 442 1.71 -11.81 4.53
CA SER A 442 1.05 -10.63 3.95
C SER A 442 -0.37 -10.58 4.50
N MET A 443 -0.88 -9.39 4.73
CA MET A 443 -2.22 -9.33 5.35
C MET A 443 -3.14 -8.49 4.48
N ASP A 444 -4.45 -8.80 4.49
CA ASP A 444 -5.41 -7.94 3.72
C ASP A 444 -5.62 -6.63 4.49
N HIS A 445 -6.34 -5.69 3.90
CA HIS A 445 -6.52 -4.37 4.52
C HIS A 445 -6.97 -4.52 5.96
N GLN A 446 -8.04 -5.27 6.21
CA GLN A 446 -8.59 -5.37 7.59
C GLN A 446 -7.73 -6.29 8.46
N ALA A 447 -7.11 -7.32 7.87
CA ALA A 447 -6.34 -8.30 8.67
C ALA A 447 -5.22 -7.63 9.46
N ILE A 448 -4.75 -6.46 9.03
CA ILE A 448 -3.61 -5.83 9.71
C ILE A 448 -4.09 -5.53 11.12
N LEU A 449 -5.37 -5.24 11.30
CA LEU A 449 -5.81 -4.82 12.65
C LEU A 449 -6.31 -6.01 13.44
N TRP A 450 -6.57 -7.15 12.82
CA TRP A 450 -7.19 -8.30 13.53
C TRP A 450 -6.31 -9.55 13.57
N CYS A 451 -5.08 -9.49 13.10
CA CYS A 451 -4.19 -10.65 13.21
C CYS A 451 -3.75 -10.78 14.65
N ASP A 452 -3.54 -12.01 15.13
CA ASP A 452 -3.08 -12.24 16.50
C ASP A 452 -1.57 -12.09 16.45
N GLN A 453 -0.96 -12.52 15.37
CA GLN A 453 0.50 -12.46 15.24
C GLN A 453 0.98 -11.00 15.18
N PHE A 454 0.30 -10.16 14.42
CA PHE A 454 0.60 -8.71 14.33
C PHE A 454 0.18 -7.92 15.56
N ARG A 455 -0.95 -8.26 16.18
CA ARG A 455 -1.38 -7.55 17.42
C ARG A 455 -0.29 -7.67 18.49
N LYS A 456 0.34 -8.83 18.61
CA LYS A 456 1.46 -9.00 19.57
C LYS A 456 2.68 -8.14 19.25
N VAL A 457 3.11 -7.96 18.02
CA VAL A 457 4.35 -7.20 17.65
C VAL A 457 4.21 -5.67 17.82
N ILE A 458 3.07 -5.08 17.52
CA ILE A 458 2.82 -3.61 17.66
C ILE A 458 2.68 -3.24 19.13
N ILE A 459 2.06 -4.09 19.94
CA ILE A 459 1.84 -3.81 21.39
C ILE A 459 3.17 -3.95 22.11
N ARG A 460 3.99 -4.91 21.73
CA ARG A 460 5.35 -5.04 22.29
C ARG A 460 6.24 -3.87 21.91
N ALA A 461 6.15 -3.40 20.68
CA ALA A 461 6.91 -2.22 20.22
C ALA A 461 6.48 -0.94 20.90
N LEU A 462 5.18 -0.74 21.15
CA LEU A 462 4.61 0.42 21.86
C LEU A 462 4.99 0.41 23.33
N PHE A 463 5.02 -0.75 23.99
CA PHE A 463 5.36 -0.86 25.42
C PHE A 463 6.87 -0.76 25.60
N ASP A 464 7.60 -0.49 24.52
CA ASP A 464 9.08 -0.34 24.59
C ASP A 464 9.48 1.06 24.11
N ILE A 465 8.51 1.91 23.78
CA ILE A 465 8.78 3.31 23.37
C ILE A 465 8.15 4.22 24.43
N VAL A 466 7.42 3.69 25.41
CA VAL A 466 6.65 4.49 26.41
C VAL A 466 7.42 4.79 27.70
N ASP A 467 7.45 6.05 28.13
CA ASP A 467 8.11 6.50 29.38
C ASP A 467 7.21 7.55 30.05
N VAL A 468 6.62 7.23 31.19
CA VAL A 468 5.66 8.15 31.86
C VAL A 468 6.44 9.24 32.59
N HIS A 469 7.74 9.14 32.70
CA HIS A 469 8.59 10.17 33.33
C HIS A 469 8.94 11.31 32.40
N ARG A 470 8.48 11.28 31.17
CA ARG A 470 8.77 12.27 30.12
C ARG A 470 7.40 12.78 29.74
N ALA A 471 7.30 14.12 29.60
CA ALA A 471 6.00 14.78 29.32
C ALA A 471 5.36 14.06 28.14
N SER A 472 5.97 14.18 26.96
CA SER A 472 5.46 13.33 25.86
C SER A 472 5.70 11.93 26.42
N GLN A 473 4.68 11.07 26.43
CA GLN A 473 4.89 9.77 27.12
C GLN A 473 5.60 8.82 26.16
N THR A 474 6.88 9.11 25.87
CA THR A 474 7.65 8.30 24.90
C THR A 474 9.15 8.46 25.15
N LYS A 475 9.96 7.53 24.64
CA LYS A 475 11.43 7.60 24.73
C LYS A 475 11.87 8.62 23.70
N PRO A 476 13.08 9.19 23.76
CA PRO A 476 13.50 10.11 22.73
C PRO A 476 13.40 9.53 21.30
N ARG A 477 13.54 10.34 20.25
CA ARG A 477 13.34 9.87 18.85
C ARG A 477 14.34 8.81 18.43
N ALA A 478 15.59 8.89 18.86
CA ALA A 478 16.56 7.94 18.31
C ALA A 478 16.37 6.61 19.02
N GLN A 479 15.95 6.65 20.26
CA GLN A 479 15.60 5.42 20.98
C GLN A 479 14.32 4.83 20.42
N ARG A 480 13.35 5.67 20.09
CA ARG A 480 12.04 5.21 19.58
C ARG A 480 12.32 4.47 18.30
N MET A 481 13.20 5.01 17.49
CA MET A 481 13.54 4.39 16.21
C MET A 481 14.22 3.03 16.36
N ARG A 482 15.13 2.83 17.29
CA ARG A 482 15.79 1.51 17.50
C ARG A 482 14.79 0.46 17.96
N VAL A 483 13.86 0.81 18.84
CA VAL A 483 12.82 -0.14 19.27
C VAL A 483 11.93 -0.54 18.09
N PHE A 484 11.51 0.39 17.25
CA PHE A 484 10.69 0.09 16.08
C PHE A 484 11.49 -0.77 15.11
N LYS A 485 12.78 -0.50 14.96
CA LYS A 485 13.67 -1.30 14.08
C LYS A 485 13.86 -2.74 14.57
N LYS A 486 13.82 -3.00 15.87
CA LYS A 486 14.11 -4.36 16.37
C LYS A 486 12.86 -5.19 16.28
N TRP A 487 11.73 -4.58 16.55
CA TRP A 487 10.43 -5.29 16.55
C TRP A 487 9.85 -5.41 15.17
N PHE A 488 10.11 -4.47 14.28
CA PHE A 488 9.42 -4.52 12.97
C PHE A 488 10.35 -4.95 11.86
N LEU A 489 11.65 -4.80 12.01
CA LEU A 489 12.56 -5.09 10.88
C LEU A 489 13.33 -6.39 11.16
N SER A 490 13.91 -7.01 10.15
CA SER A 490 14.59 -8.31 10.23
C SER A 490 15.92 -8.35 11.01
N GLY A 491 16.71 -7.29 11.00
CA GLY A 491 18.03 -7.26 11.65
C GLY A 491 19.14 -7.40 10.64
N MET A 492 18.84 -7.97 9.46
CA MET A 492 19.87 -8.09 8.38
C MET A 492 19.79 -6.89 7.46
N GLU A 493 18.95 -5.90 7.82
CA GLU A 493 18.86 -4.66 7.04
C GLU A 493 20.14 -3.90 7.38
N THR A 494 20.60 -3.01 6.52
CA THR A 494 21.91 -2.36 6.79
C THR A 494 21.70 -1.07 7.55
N VAL A 495 20.46 -0.82 8.01
CA VAL A 495 20.13 0.37 8.83
C VAL A 495 20.21 -0.02 10.29
N ALA A 496 20.35 -1.33 10.55
CA ALA A 496 20.37 -1.82 11.94
C ALA A 496 21.73 -1.55 12.59
N GLU A 497 21.71 -1.47 13.91
CA GLU A 497 22.93 -1.17 14.67
C GLU A 497 23.16 -2.37 15.58
N LYS A 498 24.29 -3.07 15.40
CA LYS A 498 24.66 -4.19 16.30
C LYS A 498 25.31 -3.55 17.52
N ILE A 499 24.84 -3.87 18.73
CA ILE A 499 25.36 -3.13 19.91
C ILE A 499 26.25 -4.02 20.78
N ALA A 500 26.14 -5.33 20.66
CA ALA A 500 26.89 -6.28 21.51
C ALA A 500 28.40 -6.26 21.33
N PRO A 501 29.02 -6.12 20.14
CA PRO A 501 30.48 -6.05 20.06
C PRO A 501 31.13 -5.00 20.97
N THR A 502 30.54 -3.80 21.02
CA THR A 502 31.08 -2.69 21.85
C THR A 502 30.33 -2.62 23.18
N SER A 503 29.43 -3.58 23.43
CA SER A 503 28.75 -3.63 24.74
C SER A 503 29.77 -4.04 25.82
N ASP A 504 29.56 -3.61 27.05
CA ASP A 504 30.52 -3.92 28.15
C ASP A 504 30.54 -5.44 28.40
N PRO A 505 31.69 -5.99 28.87
CA PRO A 505 31.76 -7.43 29.20
C PRO A 505 30.72 -7.75 30.25
N THR A 506 30.04 -8.90 30.12
CA THR A 506 28.94 -9.24 31.05
C THR A 506 29.24 -10.52 31.81
N THR A 507 30.26 -11.29 31.40
CA THR A 507 30.51 -12.59 32.04
C THR A 507 32.00 -12.78 32.37
N LEU A 508 32.31 -13.61 33.37
CA LEU A 508 33.73 -13.87 33.76
C LEU A 508 34.08 -15.34 33.44
N LEU A 509 34.61 -15.59 32.25
CA LEU A 509 35.01 -16.95 31.83
C LEU A 509 36.36 -17.17 32.46
N ILE A 510 36.46 -18.14 33.36
CA ILE A 510 37.76 -18.47 33.99
C ILE A 510 38.02 -19.92 33.67
N VAL A 511 36.98 -20.59 33.19
CA VAL A 511 37.10 -22.04 32.92
C VAL A 511 37.66 -22.20 31.51
N ASP A 512 38.16 -21.12 30.92
CA ASP A 512 38.79 -21.30 29.59
C ASP A 512 40.28 -21.04 29.70
N ASP A 513 40.78 -20.86 30.93
CA ASP A 513 42.25 -20.72 31.12
C ASP A 513 42.81 -22.06 30.66
N LYS A 514 42.13 -23.15 31.01
CA LYS A 514 42.53 -24.48 30.49
C LYS A 514 42.31 -24.45 28.97
N SER A 515 43.32 -24.93 28.24
CA SER A 515 43.29 -24.92 26.75
C SER A 515 42.67 -26.21 26.20
N ASP A 516 41.36 -26.39 26.36
CA ASP A 516 40.71 -27.65 25.89
C ASP A 516 39.70 -27.36 24.78
N SER A 517 39.11 -26.15 24.74
CA SER A 517 38.04 -25.87 23.75
C SER A 517 38.53 -25.06 22.56
N ILE A 518 39.66 -24.36 22.70
CA ILE A 518 40.13 -23.48 21.58
C ILE A 518 40.20 -24.34 20.33
N THR A 519 39.78 -23.79 19.20
CA THR A 519 39.69 -24.63 17.99
C THR A 519 40.55 -24.01 16.87
N ALA A 520 40.74 -24.74 15.77
CA ALA A 520 41.60 -24.28 14.67
C ALA A 520 40.97 -23.16 13.85
N GLU A 521 41.76 -22.18 13.42
CA GLU A 521 41.24 -21.12 12.54
C GLU A 521 40.77 -21.77 11.23
N GLY A 522 39.63 -21.33 10.69
CA GLY A 522 39.07 -21.96 9.49
C GLY A 522 38.24 -23.21 9.80
N GLU A 523 38.10 -23.57 11.09
CA GLU A 523 37.36 -24.82 11.42
C GLU A 523 35.92 -24.47 11.79
N ARG A 524 34.97 -24.77 10.91
CA ARG A 524 33.53 -24.43 11.14
C ARG A 524 32.98 -25.30 12.27
N LEU A 525 32.29 -24.68 13.24
CA LEU A 525 31.68 -25.42 14.36
C LEU A 525 30.32 -26.00 13.95
N VAL A 526 30.10 -27.30 14.08
CA VAL A 526 28.78 -27.91 13.85
C VAL A 526 28.49 -28.79 15.07
N LEU A 527 27.44 -28.49 15.81
CA LEU A 527 27.02 -29.29 16.97
C LEU A 527 25.70 -29.91 16.57
N ARG A 528 25.74 -31.14 16.06
CA ARG A 528 24.52 -31.84 15.57
C ARG A 528 23.51 -32.03 16.70
N GLU A 529 23.94 -32.11 17.97
CA GLU A 529 23.03 -32.24 19.13
C GLU A 529 23.78 -31.64 20.31
N LEU A 530 23.13 -31.43 21.45
CA LEU A 530 23.85 -30.66 22.49
C LEU A 530 24.11 -31.49 23.75
N GLY A 531 25.11 -31.10 24.53
CA GLY A 531 25.38 -31.74 25.84
C GLY A 531 25.60 -33.23 25.82
N THR A 532 26.50 -33.70 24.96
CA THR A 532 26.84 -35.15 24.91
C THR A 532 27.99 -35.43 25.87
N GLN A 533 28.55 -34.38 26.50
CA GLN A 533 29.71 -34.57 27.40
C GLN A 533 29.26 -34.57 28.85
N GLY A 534 27.97 -34.38 29.10
CA GLY A 534 27.42 -34.48 30.46
C GLY A 534 27.75 -33.28 31.35
N SER A 535 28.30 -32.20 30.80
CA SER A 535 28.70 -31.10 31.72
C SER A 535 28.62 -29.77 30.99
N VAL A 536 28.55 -28.66 31.72
CA VAL A 536 28.61 -27.36 31.03
C VAL A 536 30.00 -27.34 30.38
N ARG A 537 30.06 -27.13 29.07
CA ARG A 537 31.35 -27.19 28.36
C ARG A 537 31.38 -26.02 27.37
N ALA A 538 32.48 -25.81 26.66
CA ALA A 538 32.53 -24.62 25.81
C ALA A 538 33.15 -25.04 24.48
N HIS A 539 32.91 -24.27 23.42
CA HIS A 539 33.51 -24.50 22.10
C HIS A 539 33.90 -23.10 21.70
N LEU A 540 35.20 -22.79 21.64
CA LEU A 540 35.66 -21.39 21.43
C LEU A 540 36.37 -21.21 20.08
N MET A 541 35.89 -20.30 19.22
CA MET A 541 36.47 -20.18 17.86
C MET A 541 37.16 -18.84 17.74
N PRO A 542 38.40 -18.79 17.24
CA PRO A 542 39.14 -17.53 17.17
C PRO A 542 38.65 -16.50 16.15
N ILE A 543 38.45 -15.26 16.57
CA ILE A 543 38.16 -14.19 15.59
C ILE A 543 39.46 -14.01 14.80
N PRO A 544 39.50 -14.22 13.46
CA PRO A 544 40.69 -13.92 12.66
C PRO A 544 41.22 -12.49 12.83
N PRO A 545 42.50 -12.25 12.49
CA PRO A 545 43.09 -10.92 12.59
C PRO A 545 42.53 -9.89 11.59
N PRO A 546 42.61 -8.58 11.89
CA PRO A 546 42.03 -7.53 11.05
C PRO A 546 42.74 -7.33 9.72
N GLY A 547 43.82 -8.08 9.47
CA GLY A 547 44.60 -7.92 8.22
C GLY A 547 43.79 -8.27 6.98
N SER A 548 42.60 -8.85 7.16
CA SER A 548 41.79 -9.33 6.01
C SER A 548 41.60 -8.24 4.95
N PRO A 549 41.90 -8.48 3.64
CA PRO A 549 41.60 -7.46 2.61
C PRO A 549 40.13 -7.53 2.20
N GLU A 550 39.59 -8.75 2.11
CA GLU A 550 38.22 -8.99 1.65
C GLU A 550 37.27 -8.69 2.80
N LEU A 551 35.95 -8.78 2.58
CA LEU A 551 35.14 -8.52 3.77
C LEU A 551 34.89 -9.91 4.36
N LYS A 552 34.80 -10.06 5.67
CA LYS A 552 34.66 -11.43 6.15
C LYS A 552 33.60 -11.35 7.20
N ARG A 553 32.83 -12.42 7.37
CA ARG A 553 31.66 -12.31 8.26
C ARG A 553 31.51 -13.53 9.15
N PHE A 554 31.27 -13.34 10.43
CA PHE A 554 30.96 -14.49 11.31
C PHE A 554 29.47 -14.73 11.20
N THR A 555 29.05 -15.95 10.93
CA THR A 555 27.63 -16.21 10.94
C THR A 555 27.38 -17.45 11.79
N LEU A 556 26.52 -17.34 12.80
CA LEU A 556 26.10 -18.51 13.57
C LEU A 556 24.64 -18.77 13.30
N LEU A 557 24.21 -20.04 13.25
CA LEU A 557 22.76 -20.35 13.13
C LEU A 557 22.42 -21.53 14.03
N THR A 558 21.64 -21.29 15.09
CA THR A 558 21.23 -22.37 16.02
C THR A 558 19.71 -22.39 16.17
N ASP A 559 19.09 -23.57 16.08
CA ASP A 559 17.63 -23.67 16.33
C ASP A 559 17.35 -23.30 17.80
N THR A 560 18.25 -23.71 18.71
CA THR A 560 18.02 -23.52 20.17
C THR A 560 18.15 -22.04 20.59
N LYS A 561 17.21 -21.57 21.42
CA LYS A 561 17.28 -20.21 21.99
C LYS A 561 18.59 -19.97 22.73
N LEU A 562 19.29 -18.90 22.35
CA LEU A 562 20.50 -18.44 23.04
C LEU A 562 20.02 -17.74 24.32
N ASP A 563 20.79 -17.79 25.40
CA ASP A 563 20.33 -17.24 26.70
C ASP A 563 20.76 -15.81 26.87
N LYS A 564 19.94 -15.00 27.55
CA LYS A 564 20.25 -13.56 27.72
C LYS A 564 21.05 -13.46 29.03
N PRO A 565 21.90 -12.43 29.28
CA PRO A 565 22.75 -12.48 30.47
C PRO A 565 21.90 -12.56 31.74
N GLY A 566 22.33 -13.36 32.72
CA GLY A 566 21.55 -13.56 33.96
C GLY A 566 20.52 -14.66 33.83
N GLU A 567 20.51 -15.40 32.71
CA GLU A 567 19.60 -16.57 32.60
C GLU A 567 20.44 -17.79 32.23
N ASN A 568 19.93 -18.97 32.57
CA ASN A 568 20.66 -20.22 32.28
C ASN A 568 19.82 -21.05 31.31
N GLY A 569 20.42 -21.45 30.20
CA GLY A 569 19.73 -22.24 29.16
C GLY A 569 20.78 -23.06 28.44
N LYS A 570 20.43 -23.76 27.39
CA LYS A 570 21.37 -24.72 26.79
C LYS A 570 22.54 -24.02 26.10
N LEU A 571 22.33 -22.86 25.50
CA LEU A 571 23.41 -22.30 24.67
C LEU A 571 23.73 -20.84 24.99
N GLU A 572 25.01 -20.46 25.04
CA GLU A 572 25.33 -19.02 25.23
C GLU A 572 26.51 -18.63 24.33
N VAL A 573 26.24 -17.76 23.34
CA VAL A 573 27.30 -17.31 22.42
C VAL A 573 27.78 -15.96 22.91
N MET A 574 29.09 -15.82 23.11
CA MET A 574 29.66 -14.56 23.67
C MET A 574 30.99 -14.27 22.97
N PHE A 575 31.32 -12.99 22.78
CA PHE A 575 32.63 -12.63 22.18
C PHE A 575 33.57 -12.41 23.35
N CYS A 576 34.53 -13.30 23.57
CA CYS A 576 35.39 -13.25 24.79
C CYS A 576 36.84 -12.86 24.49
N SER A 577 37.29 -11.72 25.01
CA SER A 577 38.72 -11.29 24.87
C SER A 577 39.54 -11.71 26.08
N VAL A 578 40.72 -12.29 25.83
CA VAL A 578 41.63 -12.77 26.93
C VAL A 578 42.48 -11.61 27.46
N LEU A 606 38.34 -14.50 28.34
CA LEU A 606 38.17 -13.95 29.72
C LEU A 606 36.98 -12.99 29.84
N ALA A 607 37.06 -11.83 29.24
CA ALA A 607 35.98 -10.83 29.38
C ALA A 607 34.97 -11.13 28.27
N CYS A 608 33.74 -11.48 28.63
CA CYS A 608 32.79 -11.98 27.62
C CYS A 608 31.51 -11.15 27.55
N THR A 609 31.14 -10.71 26.36
CA THR A 609 29.85 -9.98 26.21
C THR A 609 28.82 -10.89 25.54
N ASN A 610 27.73 -11.18 26.23
CA ASN A 610 26.66 -12.00 25.61
C ASN A 610 26.18 -11.31 24.35
N VAL A 611 26.00 -12.07 23.28
CA VAL A 611 25.64 -11.50 21.97
C VAL A 611 24.12 -11.56 21.81
N ALA A 612 23.39 -11.95 22.85
CA ALA A 612 21.93 -12.17 22.74
C ALA A 612 21.19 -10.94 22.27
N PRO A 613 21.44 -9.70 22.74
CA PRO A 613 20.66 -8.58 22.20
C PRO A 613 20.66 -8.51 20.67
N ASP A 614 21.60 -9.17 20.02
CA ASP A 614 21.82 -9.00 18.59
C ASP A 614 21.38 -10.23 17.80
N VAL A 615 20.48 -11.03 18.35
CA VAL A 615 20.07 -12.27 17.73
C VAL A 615 19.00 -11.97 16.67
N ILE A 616 19.21 -12.52 15.48
CA ILE A 616 18.24 -12.42 14.39
C ILE A 616 17.38 -13.67 14.41
N THR A 617 16.07 -13.50 14.56
CA THR A 617 15.16 -14.63 14.56
C THR A 617 14.72 -14.94 13.13
N LEU A 618 14.98 -16.13 12.62
CA LEU A 618 14.68 -16.44 11.22
C LEU A 618 13.55 -17.45 11.32
N PRO A 619 12.65 -17.60 10.33
CA PRO A 619 11.67 -18.61 10.39
C PRO A 619 12.36 -19.96 10.45
N ALA A 620 11.70 -20.95 11.05
CA ALA A 620 12.29 -22.28 11.19
C ALA A 620 12.04 -23.14 9.97
N SER A 621 13.07 -23.33 9.17
CA SER A 621 13.01 -24.22 8.00
C SER A 621 13.35 -25.62 8.49
N THR A 622 12.38 -26.52 8.49
CA THR A 622 12.55 -27.92 8.94
C THR A 622 11.80 -28.69 7.88
N ARG A 623 12.04 -29.99 7.74
CA ARG A 623 11.42 -30.79 6.63
C ARG A 623 9.89 -30.76 6.70
N PHE A 624 9.30 -30.40 7.84
CA PHE A 624 7.82 -30.48 7.97
C PHE A 624 7.19 -29.09 7.86
N ALA A 625 7.95 -28.10 7.40
CA ALA A 625 7.46 -26.70 7.38
C ALA A 625 7.01 -26.37 5.97
N ARG A 626 5.82 -25.79 5.82
CA ARG A 626 5.35 -25.37 4.48
C ARG A 626 5.33 -23.86 4.46
N PHE A 627 5.09 -23.22 5.61
CA PHE A 627 4.88 -21.76 5.62
C PHE A 627 5.75 -21.09 6.68
N PRO A 628 6.12 -19.78 6.60
CA PRO A 628 6.84 -19.13 7.71
C PRO A 628 5.87 -18.78 8.85
N PHE A 629 4.58 -18.81 8.53
CA PHE A 629 3.56 -18.50 9.54
C PHE A 629 2.72 -19.75 9.77
N SER A 630 2.24 -19.93 10.99
CA SER A 630 1.27 -21.02 11.27
C SER A 630 -0.03 -20.43 11.81
N VAL A 631 -1.17 -20.71 11.15
CA VAL A 631 -2.49 -20.18 11.59
C VAL A 631 -2.98 -20.96 12.82
N ARG A 632 -2.37 -22.08 13.20
CA ARG A 632 -2.72 -22.79 14.46
C ARG A 632 -1.59 -22.55 15.43
N LYS A 633 -1.84 -21.91 16.59
CA LYS A 633 -0.73 -21.55 17.51
C LYS A 633 -0.01 -22.80 18.00
N GLU A 634 -0.75 -23.89 18.23
CA GLU A 634 -0.17 -25.16 18.75
C GLU A 634 0.92 -25.65 17.80
N ALA A 635 0.82 -25.35 16.51
CA ALA A 635 1.76 -25.91 15.51
C ALA A 635 2.92 -24.97 15.15
N GLU A 636 3.16 -23.91 15.93
CA GLU A 636 4.18 -22.89 15.56
C GLU A 636 5.59 -23.43 15.85
N ILE A 637 6.40 -23.63 14.80
CA ILE A 637 7.73 -24.25 15.01
C ILE A 637 8.65 -23.19 15.60
N PRO A 638 9.27 -23.37 16.80
CA PRO A 638 10.00 -22.26 17.45
C PRO A 638 11.04 -21.67 16.48
N PRO A 639 11.17 -20.34 16.38
CA PRO A 639 12.05 -19.72 15.39
C PRO A 639 13.56 -19.98 15.55
N PHE A 640 14.33 -20.00 14.47
CA PHE A 640 15.77 -20.32 14.51
C PHE A 640 16.54 -19.07 14.89
N SER A 641 17.61 -19.22 15.69
CA SER A 641 18.43 -18.06 16.04
C SER A 641 19.56 -17.90 15.04
N TYR A 642 19.88 -16.65 14.72
CA TYR A 642 20.91 -16.35 13.74
C TYR A 642 21.74 -15.17 14.23
N LEU A 643 23.05 -15.24 13.99
CA LEU A 643 23.97 -14.17 14.34
C LEU A 643 24.83 -13.89 13.11
N GLU A 644 25.09 -12.61 12.85
CA GLU A 644 25.90 -12.21 11.72
C GLU A 644 26.65 -10.94 12.08
N TYR A 645 27.93 -10.89 11.76
CA TYR A 645 28.73 -9.72 12.19
C TYR A 645 29.88 -9.51 11.21
N VAL A 646 30.02 -8.30 10.66
CA VAL A 646 31.18 -7.99 9.79
C VAL A 646 32.41 -8.06 10.68
N LEU A 647 33.51 -8.63 10.19
CA LEU A 647 34.70 -8.89 11.06
C LEU A 647 35.28 -7.59 11.60
N ASP A 648 35.26 -6.51 10.81
CA ASP A 648 35.88 -5.24 11.21
C ASP A 648 35.31 -4.81 12.56
N ASP A 649 34.02 -5.09 12.81
CA ASP A 649 33.36 -4.68 14.09
C ASP A 649 33.79 -5.59 15.25
N ILE A 650 33.94 -6.90 15.02
CA ILE A 650 34.24 -7.85 16.15
C ILE A 650 35.75 -8.08 16.32
N SER A 651 36.60 -7.40 15.56
CA SER A 651 38.05 -7.69 15.61
C SER A 651 38.64 -7.54 17.03
N GLU A 652 38.17 -6.62 17.87
CA GLU A 652 38.80 -6.48 19.16
C GLU A 652 38.75 -7.76 19.94
N HIS A 653 37.61 -8.44 19.92
CA HIS A 653 37.56 -9.68 20.63
C HIS A 653 38.38 -10.73 19.94
N GLN A 654 38.87 -11.67 20.72
CA GLN A 654 39.80 -12.70 20.16
C GLN A 654 39.03 -13.94 19.81
N PHE A 655 38.05 -14.34 20.63
CA PHE A 655 37.32 -15.58 20.34
C PHE A 655 35.84 -15.44 20.43
N VAL A 656 35.11 -16.45 19.95
CA VAL A 656 33.63 -16.47 20.02
C VAL A 656 33.32 -17.77 20.71
N ALA A 657 32.71 -17.73 21.87
CA ALA A 657 32.54 -18.99 22.62
C ALA A 657 31.08 -19.45 22.63
N VAL A 658 30.80 -20.62 22.07
CA VAL A 658 29.44 -21.20 22.13
C VAL A 658 29.48 -22.17 23.30
N ILE A 659 28.82 -21.80 24.37
CA ILE A 659 28.94 -22.61 25.58
C ILE A 659 27.72 -23.52 25.66
N GLU A 660 27.95 -24.83 25.60
CA GLU A 660 26.86 -25.79 25.85
C GLU A 660 26.72 -25.81 27.37
N LYS A 661 25.51 -25.64 27.89
CA LYS A 661 25.24 -25.70 29.32
C LYS A 661 24.32 -26.89 29.48
N ALA A 662 23.95 -27.52 28.36
CA ALA A 662 23.15 -28.76 28.43
C ALA A 662 24.01 -29.86 29.05
N THR A 663 23.39 -30.80 29.77
CA THR A 663 24.13 -31.93 30.42
C THR A 663 23.45 -33.26 30.07
N ILE A 664 22.38 -33.23 29.27
CA ILE A 664 21.74 -34.52 28.82
C ILE A 664 21.65 -34.48 27.29
N PRO A 665 21.83 -35.58 26.53
CA PRO A 665 21.83 -35.49 25.06
C PRO A 665 20.49 -34.87 24.63
N THR A 666 20.53 -33.80 23.81
CA THR A 666 19.28 -33.03 23.51
C THR A 666 19.22 -32.58 22.05
N PRO A 667 18.04 -32.57 21.40
CA PRO A 667 17.96 -32.07 20.06
C PRO A 667 18.49 -30.64 20.01
N GLY A 668 19.30 -30.34 19.02
CA GLY A 668 19.90 -29.01 18.93
C GLY A 668 20.83 -28.99 17.75
N PHE A 669 21.30 -27.82 17.34
CA PHE A 669 22.26 -27.70 16.23
C PHE A 669 22.85 -26.33 16.31
N VAL A 670 24.17 -26.21 16.24
CA VAL A 670 24.84 -24.88 16.15
C VAL A 670 25.84 -25.02 15.02
N ILE A 671 25.63 -24.32 13.91
CA ILE A 671 26.65 -24.30 12.84
C ILE A 671 27.18 -22.88 12.86
N ALA A 672 28.46 -22.69 13.15
CA ALA A 672 29.06 -21.34 13.15
C ALA A 672 30.30 -21.34 12.27
N GLU A 673 30.48 -20.27 11.50
CA GLU A 673 31.63 -20.24 10.54
C GLU A 673 31.98 -18.79 10.16
N PHE A 674 33.23 -18.57 9.78
CA PHE A 674 33.69 -17.23 9.32
C PHE A 674 33.95 -17.41 7.85
N SER A 675 33.22 -16.69 7.03
CA SER A 675 33.27 -16.84 5.60
C SER A 675 33.75 -15.61 4.90
N ASP A 676 34.54 -15.81 3.87
CA ASP A 676 35.03 -14.71 3.07
C ASP A 676 33.83 -14.20 2.29
N HIS A 677 33.70 -12.90 2.16
CA HIS A 677 32.55 -12.36 1.47
C HIS A 677 32.41 -12.83 0.06
N SER A 678 33.51 -12.93 -0.67
CA SER A 678 33.42 -13.34 -2.04
C SER A 678 32.76 -14.70 -2.23
N ASN A 679 33.27 -15.69 -1.53
CA ASN A 679 32.77 -17.06 -1.67
C ASN A 679 31.28 -17.15 -1.40
N SER A 680 30.75 -16.26 -0.57
CA SER A 680 29.37 -16.37 -0.10
C SER A 680 28.41 -15.41 -0.79
N HIS A 681 28.97 -14.42 -1.51
CA HIS A 681 28.11 -13.40 -2.17
C HIS A 681 28.24 -13.49 -3.68
N HIS A 682 27.10 -13.56 -4.38
CA HIS A 682 27.07 -13.65 -5.86
C HIS A 682 26.18 -12.55 -6.42
N THR A 683 26.56 -11.95 -7.54
CA THR A 683 25.69 -10.95 -8.20
C THR A 683 25.59 -11.39 -9.64
N ARG A 684 24.39 -11.56 -10.17
CA ARG A 684 24.25 -11.89 -11.60
C ARG A 684 23.75 -10.67 -12.38
N HIS A 685 24.62 -10.09 -13.23
CA HIS A 685 24.23 -8.93 -14.08
C HIS A 685 23.70 -9.43 -15.43
N ILE A 686 22.39 -9.62 -15.56
CA ILE A 686 21.77 -10.08 -16.84
C ILE A 686 20.70 -9.01 -17.09
N GLY A 687 20.48 -8.59 -18.33
CA GLY A 687 19.49 -7.53 -18.56
C GLY A 687 18.12 -8.06 -18.27
N LEU A 688 17.14 -7.17 -18.06
CA LEU A 688 15.76 -7.65 -17.87
C LEU A 688 15.37 -8.40 -19.13
N ARG A 689 15.86 -7.97 -20.28
CA ARG A 689 15.46 -8.58 -21.58
C ARG A 689 16.04 -9.96 -21.71
N ASN A 690 17.28 -10.16 -21.28
CA ASN A 690 17.85 -11.52 -21.28
C ASN A 690 17.16 -12.41 -20.25
N LEU A 691 16.87 -11.88 -19.05
CA LEU A 691 16.20 -12.65 -17.99
C LEU A 691 14.78 -12.98 -18.40
N LEU A 692 14.13 -12.11 -19.13
CA LEU A 692 12.76 -12.38 -19.61
C LEU A 692 12.75 -13.37 -20.77
N THR A 693 13.89 -13.62 -21.43
CA THR A 693 13.97 -14.63 -22.48
C THR A 693 14.53 -15.94 -21.95
N PHE A 694 15.65 -15.88 -21.23
CA PHE A 694 16.31 -17.15 -20.85
C PHE A 694 16.25 -17.49 -19.36
N GLY A 695 15.76 -16.60 -18.52
CA GLY A 695 15.79 -16.86 -17.08
C GLY A 695 17.18 -16.66 -16.54
N ILE A 696 17.49 -17.22 -15.39
CA ILE A 696 18.87 -17.20 -14.84
C ILE A 696 19.07 -18.55 -14.16
N SER A 697 20.18 -19.23 -14.40
CA SER A 697 20.49 -20.45 -13.63
C SER A 697 21.84 -20.20 -12.95
N LEU A 698 21.95 -20.53 -11.66
CA LEU A 698 23.18 -20.27 -10.90
C LEU A 698 23.44 -21.49 -10.06
N ARG A 699 24.52 -22.21 -10.33
CA ARG A 699 24.87 -23.36 -9.48
C ARG A 699 25.75 -22.81 -8.37
N LEU A 700 25.38 -23.04 -7.12
CA LEU A 700 26.23 -22.65 -6.00
C LEU A 700 27.09 -23.88 -5.79
N PRO A 701 28.43 -23.73 -5.64
CA PRO A 701 29.32 -24.86 -5.47
C PRO A 701 29.04 -25.59 -4.15
N SER A 702 29.42 -26.87 -4.03
CA SER A 702 29.22 -27.68 -2.79
C SER A 702 29.92 -27.03 -1.61
N ASN A 703 31.13 -26.53 -1.83
CA ASN A 703 31.89 -25.90 -0.74
C ASN A 703 31.37 -24.48 -0.64
N ARG A 704 30.12 -24.33 -0.21
CA ARG A 704 29.49 -22.99 -0.20
C ARG A 704 29.33 -22.63 1.26
N PRO A 705 29.43 -21.34 1.64
CA PRO A 705 29.20 -20.95 3.00
C PRO A 705 27.73 -21.15 3.44
N MET A 706 27.45 -21.48 4.70
CA MET A 706 26.05 -21.77 5.14
C MET A 706 25.10 -20.69 4.60
N MET A 707 25.46 -19.42 4.71
CA MET A 707 24.59 -18.41 4.08
C MET A 707 25.24 -17.91 2.77
N SER A 708 24.50 -17.98 1.66
CA SER A 708 24.99 -17.51 0.35
C SER A 708 24.00 -16.46 -0.15
N GLU A 709 24.44 -15.48 -0.94
CA GLU A 709 23.48 -14.42 -1.31
C GLU A 709 23.58 -14.00 -2.78
N VAL A 710 22.64 -14.41 -3.62
CA VAL A 710 22.59 -14.05 -5.06
C VAL A 710 21.84 -12.72 -5.22
N ARG A 711 22.39 -11.79 -5.98
CA ARG A 711 21.70 -10.53 -6.23
C ARG A 711 21.54 -10.35 -7.74
N ILE A 712 20.30 -10.20 -8.24
CA ILE A 712 20.08 -9.87 -9.68
C ILE A 712 19.75 -8.39 -9.71
N PRO A 713 20.68 -7.49 -10.07
CA PRO A 713 20.43 -6.04 -9.99
C PRO A 713 19.32 -5.53 -10.91
N SER A 714 19.05 -6.22 -12.02
CA SER A 714 18.04 -5.84 -13.03
C SER A 714 16.62 -5.89 -12.50
N VAL A 715 16.28 -6.84 -11.65
CA VAL A 715 14.87 -6.99 -11.23
C VAL A 715 14.56 -5.98 -10.12
N LYS A 716 13.96 -4.84 -10.50
CA LYS A 716 13.57 -3.79 -9.55
C LYS A 716 12.09 -3.51 -9.67
N SER A 717 11.42 -3.90 -10.75
CA SER A 717 10.01 -3.52 -11.01
C SER A 717 8.97 -4.26 -10.19
N SER A 718 7.89 -3.57 -9.85
CA SER A 718 6.77 -4.21 -9.15
C SER A 718 5.84 -4.80 -10.19
N LEU A 719 6.14 -4.67 -11.49
CA LEU A 719 5.17 -5.19 -12.43
C LEU A 719 5.51 -6.57 -12.96
N LEU A 720 6.69 -7.10 -12.64
CA LEU A 720 7.14 -8.38 -13.14
C LEU A 720 7.26 -9.38 -12.00
N ALA A 721 6.74 -10.59 -12.22
CA ALA A 721 6.77 -11.66 -11.23
C ALA A 721 7.51 -12.85 -11.82
N TYR A 722 8.26 -13.54 -10.97
CA TYR A 722 9.11 -14.64 -11.39
C TYR A 722 8.78 -15.89 -10.58
N ASN A 723 9.36 -17.01 -11.01
CA ASN A 723 9.29 -18.27 -10.27
C ASN A 723 10.70 -18.67 -9.88
N LEU A 724 10.90 -19.04 -8.62
CA LEU A 724 12.19 -19.50 -8.13
C LEU A 724 12.08 -20.98 -7.81
N ARG A 725 12.93 -21.76 -8.49
CA ARG A 725 12.98 -23.23 -8.27
C ARG A 725 14.39 -23.59 -7.79
N ILE A 726 14.53 -24.00 -6.53
CA ILE A 726 15.85 -24.34 -5.92
C ILE A 726 15.95 -25.85 -5.94
N SER A 727 17.15 -26.39 -6.17
CA SER A 727 17.33 -27.86 -6.33
C SER A 727 17.16 -28.61 -5.02
N ALA A 728 17.09 -29.95 -5.06
CA ALA A 728 16.75 -30.76 -3.86
C ALA A 728 17.68 -30.62 -2.66
N LEU A 729 19.00 -30.57 -2.84
CA LEU A 729 19.94 -30.57 -1.69
C LEU A 729 19.83 -31.88 -0.92
N GLU A 730 19.66 -33.00 -1.63
CA GLU A 730 19.67 -34.34 -0.97
C GLU A 730 21.06 -34.58 -0.36
N CYS A 731 21.13 -35.14 0.84
CA CYS A 731 22.44 -35.31 1.53
C CYS A 731 22.84 -36.78 1.58
N SER A 732 24.07 -37.10 1.19
CA SER A 732 24.55 -38.46 1.24
C SER A 732 24.90 -38.71 2.65
N GLY A 733 24.70 -39.92 3.09
CA GLY A 733 24.91 -40.21 4.49
C GLY A 733 23.84 -39.54 5.35
N ARG A 734 24.29 -38.79 6.36
CA ARG A 734 23.37 -38.09 7.31
C ARG A 734 22.41 -37.14 6.58
N LYS A 735 21.25 -36.86 7.21
CA LYS A 735 20.25 -35.93 6.64
C LYS A 735 20.62 -34.48 6.98
N ASP A 736 19.90 -33.53 6.40
CA ASP A 736 20.14 -32.09 6.70
C ASP A 736 19.81 -31.73 8.15
N LEU A 737 20.68 -30.97 8.78
CA LEU A 737 20.40 -30.45 10.13
C LEU A 737 19.23 -29.49 9.97
N PHE A 738 19.16 -28.74 8.86
CA PHE A 738 17.97 -27.92 8.56
C PHE A 738 17.61 -27.92 7.09
N ALA A 739 16.34 -27.65 6.75
CA ALA A 739 15.89 -27.53 5.34
C ALA A 739 16.27 -26.19 4.75
N PRO A 740 16.48 -26.05 3.44
CA PRO A 740 16.93 -24.78 2.88
C PRO A 740 15.98 -23.59 3.11
N LEU A 741 16.48 -22.41 3.46
CA LEU A 741 15.64 -21.22 3.76
C LEU A 741 16.04 -20.14 2.81
N VAL A 742 15.07 -19.55 2.11
CA VAL A 742 15.36 -18.44 1.17
C VAL A 742 14.69 -17.18 1.66
N ARG A 743 15.44 -16.08 1.70
CA ARG A 743 14.83 -14.76 2.06
C ARG A 743 14.94 -13.90 0.81
N GLN A 744 13.84 -13.58 0.17
CA GLN A 744 13.89 -12.68 -0.99
C GLN A 744 13.79 -11.28 -0.43
N TYR A 745 14.59 -10.31 -0.81
CA TYR A 745 14.37 -8.99 -0.19
C TYR A 745 14.75 -7.84 -1.09
N LEU A 746 14.28 -6.65 -0.74
CA LEU A 746 14.64 -5.40 -1.44
C LEU A 746 15.14 -4.46 -0.38
N ALA A 747 16.19 -3.74 -0.69
CA ALA A 747 16.69 -2.73 0.25
C ALA A 747 15.72 -1.56 0.43
N GLU A 748 15.22 -0.97 -0.66
CA GLU A 748 14.57 0.35 -0.53
C GLU A 748 13.28 0.39 0.29
N PRO A 749 12.20 -0.42 0.05
CA PRO A 749 10.93 -0.31 0.82
C PRO A 749 10.76 -1.32 1.97
N TYR A 750 11.82 -1.99 2.42
CA TYR A 750 11.87 -2.98 3.53
C TYR A 750 10.91 -4.10 3.34
N GLU A 751 10.85 -4.64 2.12
CA GLU A 751 9.95 -5.79 1.82
C GLU A 751 10.80 -7.06 1.73
N SER A 752 10.67 -7.98 2.69
CA SER A 752 11.49 -9.20 2.66
C SER A 752 10.55 -10.39 2.72
N LYS A 753 10.89 -11.49 2.04
CA LYS A 753 9.96 -12.64 2.00
C LYS A 753 10.73 -13.89 2.40
N TYR A 754 10.08 -14.80 3.13
CA TYR A 754 10.84 -16.01 3.52
C TYR A 754 10.14 -17.25 3.04
N PHE A 755 10.89 -18.16 2.41
CA PHE A 755 10.34 -19.40 1.85
C PHE A 755 10.96 -20.55 2.64
N VAL A 756 10.23 -21.15 3.56
CA VAL A 756 10.76 -22.21 4.45
C VAL A 756 10.79 -23.50 3.65
N ASN A 757 11.92 -24.19 3.71
CA ASN A 757 12.06 -25.45 3.02
C ASN A 757 11.83 -25.25 1.57
N ALA A 758 12.56 -24.31 0.98
CA ALA A 758 12.32 -23.92 -0.38
C ALA A 758 12.46 -24.98 -1.40
N ARG A 759 11.58 -24.96 -2.37
CA ARG A 759 11.72 -25.83 -3.54
C ARG A 759 11.26 -24.89 -4.61
N GLN A 760 10.01 -24.44 -4.53
CA GLN A 760 9.45 -23.53 -5.55
C GLN A 760 8.88 -22.33 -4.81
N ALA A 761 9.03 -21.14 -5.38
CA ALA A 761 8.57 -19.91 -4.69
C ALA A 761 8.12 -18.91 -5.75
N ALA A 762 7.07 -18.13 -5.46
CA ALA A 762 6.67 -17.09 -6.42
C ALA A 762 7.33 -15.79 -6.00
N VAL A 763 8.19 -15.25 -6.86
CA VAL A 763 8.91 -13.99 -6.51
C VAL A 763 8.08 -12.79 -6.97
N SER A 764 7.18 -12.29 -6.15
CA SER A 764 6.44 -11.05 -6.48
C SER A 764 7.06 -9.97 -5.62
N LEU A 765 7.55 -8.86 -6.15
CA LEU A 765 8.22 -7.90 -5.24
C LEU A 765 7.66 -6.49 -5.36
N HIS A 766 7.68 -5.71 -4.29
CA HIS A 766 7.21 -4.31 -4.29
C HIS A 766 8.40 -3.40 -4.53
N GLY A 767 8.85 -3.29 -5.75
CA GLY A 767 10.01 -2.47 -6.11
C GLY A 767 9.54 -1.17 -6.69
N VAL A 768 10.20 -0.68 -7.72
CA VAL A 768 9.80 0.56 -8.42
C VAL A 768 8.34 0.41 -8.83
N ALA A 769 7.51 1.42 -8.62
CA ALA A 769 6.09 1.14 -8.78
C ALA A 769 5.54 2.22 -9.70
N PRO A 770 4.51 1.94 -10.51
CA PRO A 770 4.07 2.89 -11.52
C PRO A 770 3.90 4.39 -11.28
N TYR A 771 3.33 4.88 -10.19
CA TYR A 771 3.08 6.35 -10.12
C TYR A 771 3.66 7.00 -8.87
N VAL A 772 4.35 6.25 -8.01
CA VAL A 772 4.87 6.77 -6.75
C VAL A 772 6.09 7.65 -7.02
N PRO A 773 6.47 8.53 -6.09
CA PRO A 773 7.66 9.37 -6.26
C PRO A 773 8.88 8.51 -6.62
N PRO A 774 9.85 9.11 -7.29
CA PRO A 774 11.01 8.33 -7.69
C PRO A 774 11.74 7.87 -6.47
N PRO A 775 12.25 6.63 -6.49
CA PRO A 775 12.94 6.15 -5.29
C PRO A 775 14.15 7.00 -5.12
N MET A 776 14.31 7.56 -3.93
CA MET A 776 15.40 8.47 -3.64
C MET A 776 16.61 7.83 -3.02
N SER A 777 16.58 6.53 -2.80
CA SER A 777 17.70 5.93 -2.13
C SER A 777 19.01 6.07 -2.86
N ARG A 778 18.97 5.83 -4.18
CA ARG A 778 20.14 5.88 -5.03
C ARG A 778 21.28 5.09 -4.42
N GLU A 779 20.87 3.94 -3.87
CA GLU A 779 21.84 3.03 -3.24
C GLU A 779 22.95 2.69 -4.25
N PRO A 780 24.25 2.75 -3.87
CA PRO A 780 25.34 2.43 -4.78
C PRO A 780 25.47 1.00 -5.30
N GLU A 781 25.38 0.01 -4.44
CA GLU A 781 25.54 -1.35 -4.92
C GLU A 781 24.38 -2.23 -4.57
N ALA A 782 23.73 -1.91 -3.46
CA ALA A 782 22.61 -2.72 -3.04
C ALA A 782 21.41 -2.16 -3.74
N GLU A 783 21.00 -2.88 -4.76
CA GLU A 783 19.86 -2.50 -5.57
C GLU A 783 19.34 -3.76 -6.22
N GLY A 784 18.11 -3.71 -6.70
CA GLY A 784 17.60 -4.88 -7.34
C GLY A 784 17.15 -5.88 -6.32
N LEU A 785 16.98 -7.11 -6.74
CA LEU A 785 16.45 -8.17 -5.85
C LEU A 785 17.60 -9.07 -5.43
N ALA A 786 17.58 -9.54 -4.20
CA ALA A 786 18.58 -10.48 -3.73
C ALA A 786 17.85 -11.59 -3.06
N PHE A 787 18.34 -12.80 -3.20
CA PHE A 787 17.80 -13.94 -2.45
C PHE A 787 18.92 -14.32 -1.51
N GLN A 788 18.63 -14.68 -0.27
CA GLN A 788 19.67 -15.16 0.65
C GLN A 788 19.30 -16.58 0.91
N LEU A 789 20.21 -17.52 0.74
CA LEU A 789 19.92 -18.97 0.93
C LEU A 789 20.69 -19.48 2.13
N TRP A 790 20.04 -20.11 3.09
CA TRP A 790 20.72 -20.80 4.20
C TRP A 790 20.49 -22.29 3.98
N THR A 791 21.55 -23.11 3.90
CA THR A 791 21.44 -24.58 3.74
C THR A 791 22.46 -25.22 4.66
N ASP A 792 22.30 -26.52 4.90
CA ASP A 792 23.25 -27.28 5.74
C ASP A 792 24.54 -27.30 4.96
N PRO A 793 25.67 -26.77 5.50
CA PRO A 793 26.90 -26.72 4.75
C PRO A 793 27.70 -27.98 4.88
N THR A 794 27.24 -28.94 5.65
CA THR A 794 27.99 -30.17 5.80
C THR A 794 27.58 -31.22 4.79
N CYS A 795 26.71 -30.85 3.86
CA CYS A 795 26.12 -31.86 2.96
C CYS A 795 26.99 -32.19 1.76
N ASN A 796 28.01 -31.39 1.52
CA ASN A 796 28.97 -31.67 0.46
C ASN A 796 28.24 -31.99 -0.85
N SER A 797 27.28 -31.14 -1.20
CA SER A 797 26.53 -31.31 -2.42
C SER A 797 26.14 -29.94 -2.91
N SER A 798 26.11 -29.75 -4.21
CA SER A 798 25.78 -28.45 -4.71
C SER A 798 24.30 -28.30 -4.86
N ILE A 799 23.88 -27.06 -4.91
CA ILE A 799 22.49 -26.69 -5.10
C ILE A 799 22.39 -25.75 -6.30
N GLN A 800 21.28 -25.83 -7.02
CA GLN A 800 21.08 -25.04 -8.22
C GLN A 800 19.92 -24.08 -7.99
N VAL A 801 20.07 -22.85 -8.49
CA VAL A 801 19.08 -21.80 -8.32
C VAL A 801 18.60 -21.35 -9.69
N ASP A 802 17.29 -21.37 -9.90
CA ASP A 802 16.69 -21.01 -11.17
C ASP A 802 15.67 -19.89 -10.95
N LEU A 803 15.73 -18.86 -11.79
CA LEU A 803 14.77 -17.76 -11.76
C LEU A 803 14.27 -17.51 -13.17
N THR A 804 12.97 -17.76 -13.42
CA THR A 804 12.30 -17.52 -14.73
C THR A 804 11.26 -16.41 -14.58
N VAL A 805 10.63 -15.90 -15.65
CA VAL A 805 9.52 -14.90 -15.54
C VAL A 805 8.16 -15.59 -15.62
N ASP A 806 7.15 -15.10 -14.90
CA ASP A 806 5.78 -15.65 -14.90
C ASP A 806 4.92 -14.71 -15.75
N VAL A 807 4.71 -14.99 -17.04
CA VAL A 807 4.00 -14.03 -17.91
C VAL A 807 2.56 -13.83 -17.43
N MET A 808 1.85 -14.90 -17.15
CA MET A 808 0.43 -14.69 -16.79
C MET A 808 0.34 -13.99 -15.44
N GLY A 809 1.13 -14.39 -14.45
CA GLY A 809 1.11 -13.79 -13.10
C GLY A 809 1.53 -12.35 -13.10
N SER A 810 2.49 -11.98 -13.92
CA SER A 810 2.95 -10.59 -14.07
C SER A 810 1.87 -9.66 -14.67
N LEU A 811 0.82 -10.18 -15.28
CA LEU A 811 -0.19 -9.35 -15.97
C LEU A 811 -1.20 -8.93 -14.92
N GLY A 812 -1.36 -9.72 -13.89
CA GLY A 812 -2.26 -9.32 -12.82
C GLY A 812 -1.58 -8.36 -11.89
N LYS A 813 -0.30 -8.19 -12.08
CA LYS A 813 0.42 -7.20 -11.28
C LYS A 813 -0.06 -5.85 -11.74
N LEU A 814 -0.47 -5.73 -12.98
CA LEU A 814 -1.01 -4.51 -13.60
C LEU A 814 -2.34 -4.19 -13.00
N TYR A 815 -3.14 -5.15 -12.63
CA TYR A 815 -4.49 -4.79 -12.17
C TYR A 815 -4.49 -3.87 -10.98
N MET A 816 -3.70 -4.07 -9.94
CA MET A 816 -3.73 -3.18 -8.77
C MET A 816 -3.15 -1.79 -9.04
N ARG A 817 -2.09 -1.70 -9.83
CA ARG A 817 -1.39 -0.44 -10.16
C ARG A 817 -2.15 0.49 -11.09
N TYR A 818 -2.99 -0.07 -11.96
CA TYR A 818 -3.77 0.75 -12.93
C TYR A 818 -5.26 0.50 -12.75
N ARG A 819 -5.70 0.37 -11.49
CA ARG A 819 -7.15 0.13 -11.19
C ARG A 819 -7.86 1.48 -11.07
N THR A 820 -7.32 2.53 -11.69
CA THR A 820 -7.92 3.89 -11.62
C THR A 820 -7.70 4.62 -12.95
N VAL A 821 -7.10 3.95 -13.94
CA VAL A 821 -6.85 4.59 -15.24
C VAL A 821 -8.09 4.39 -16.11
N PHE A 822 -9.07 3.65 -15.64
CA PHE A 822 -10.35 3.39 -16.33
C PHE A 822 -11.38 4.40 -15.88
N ALA A 823 -11.03 5.29 -14.99
CA ALA A 823 -11.88 6.44 -14.69
C ALA A 823 -11.70 7.46 -15.81
N ALA A 824 -10.48 7.68 -16.27
CA ALA A 824 -10.28 8.74 -17.28
C ALA A 824 -9.77 8.26 -18.64
N PHE A 825 -8.96 7.22 -18.74
CA PHE A 825 -8.47 6.84 -20.08
C PHE A 825 -9.64 6.47 -20.99
N PRO A 826 -10.75 5.82 -20.57
CA PRO A 826 -11.86 5.52 -21.46
C PRO A 826 -12.52 6.77 -22.02
N LEU A 827 -12.21 7.95 -21.47
CA LEU A 827 -12.72 9.26 -21.96
C LEU A 827 -11.93 9.68 -23.20
N PHE A 828 -10.63 9.39 -23.23
CA PHE A 828 -9.77 9.79 -24.38
C PHE A 828 -10.31 9.10 -25.65
N ILE A 829 -10.69 7.83 -25.54
CA ILE A 829 -11.26 7.10 -26.71
C ILE A 829 -12.57 7.78 -27.14
N VAL A 830 -13.43 8.13 -26.17
CA VAL A 830 -14.75 8.73 -26.52
C VAL A 830 -14.51 10.05 -27.25
N SER A 831 -13.55 10.86 -26.78
CA SER A 831 -13.31 12.19 -27.40
C SER A 831 -12.85 12.00 -28.85
N LEU A 832 -11.95 11.03 -29.07
CA LEU A 832 -11.43 10.78 -30.44
C LEU A 832 -12.56 10.28 -31.36
N VAL A 833 -13.41 9.38 -30.85
CA VAL A 833 -14.55 8.86 -31.67
C VAL A 833 -15.52 10.02 -31.95
N LEU A 834 -15.81 10.84 -30.94
CA LEU A 834 -16.75 11.98 -31.12
C LEU A 834 -16.14 12.95 -32.15
N ARG A 835 -14.83 13.17 -32.06
CA ARG A 835 -14.14 14.07 -33.02
C ARG A 835 -14.35 13.53 -34.44
N LYS A 836 -14.09 12.23 -34.63
CA LYS A 836 -14.31 11.63 -35.94
C LYS A 836 -15.75 11.81 -36.41
N GLN A 837 -16.72 11.56 -35.52
CA GLN A 837 -18.12 11.73 -35.88
C GLN A 837 -18.40 13.16 -36.31
N PHE A 838 -17.90 14.14 -35.56
CA PHE A 838 -18.19 15.53 -35.85
C PHE A 838 -17.55 15.96 -37.15
N GLN A 839 -16.33 15.51 -37.44
CA GLN A 839 -15.69 15.94 -38.68
C GLN A 839 -16.32 15.27 -39.89
N VAL A 840 -16.77 14.02 -39.73
CA VAL A 840 -17.51 13.39 -40.82
C VAL A 840 -18.82 14.12 -41.06
N TYR A 841 -19.52 14.51 -39.98
CA TYR A 841 -20.76 15.26 -40.12
C TYR A 841 -20.52 16.59 -40.82
N ASP A 842 -19.51 17.33 -40.42
CA ASP A 842 -19.31 18.67 -41.02
C ASP A 842 -18.90 18.54 -42.49
N SER A 843 -18.04 17.58 -42.83
CA SER A 843 -17.67 17.36 -44.25
C SER A 843 -18.78 16.78 -45.14
N THR A 844 -19.54 15.80 -44.65
CA THR A 844 -20.52 15.08 -45.51
C THR A 844 -21.98 15.27 -45.09
N GLY A 845 -22.26 15.81 -43.93
CA GLY A 845 -23.64 16.10 -43.49
C GLY A 845 -24.35 14.94 -42.85
N SER A 846 -23.69 13.79 -42.74
CA SER A 846 -24.29 12.62 -42.06
C SER A 846 -23.54 12.37 -40.76
N PHE A 847 -24.26 12.34 -39.66
CA PHE A 847 -23.63 12.04 -38.35
C PHE A 847 -23.61 10.53 -38.20
N ILE A 848 -22.44 9.92 -38.34
CA ILE A 848 -22.28 8.46 -38.26
C ILE A 848 -22.48 8.01 -36.82
N THR A 849 -22.69 6.72 -36.59
CA THR A 849 -22.93 6.11 -35.27
C THR A 849 -21.63 5.90 -34.51
N PHE A 850 -21.68 5.69 -33.20
CA PHE A 850 -20.46 5.52 -32.37
C PHE A 850 -19.66 4.31 -32.82
N ALA A 851 -20.31 3.24 -33.25
CA ALA A 851 -19.60 2.07 -33.77
C ALA A 851 -18.97 2.34 -35.14
N GLU A 852 -19.60 3.14 -35.99
CA GLU A 852 -18.98 3.52 -37.28
C GLU A 852 -17.84 4.49 -36.99
N GLY A 853 -17.98 5.34 -35.97
CA GLY A 853 -16.90 6.24 -35.53
C GLY A 853 -15.72 5.50 -34.97
N LEU A 854 -15.93 4.43 -34.22
CA LEU A 854 -14.78 3.61 -33.74
C LEU A 854 -14.06 2.97 -34.91
N ASP A 855 -14.75 2.39 -35.88
CA ASP A 855 -14.01 1.70 -36.95
C ASP A 855 -13.18 2.74 -37.68
N LEU A 856 -13.74 3.88 -38.01
CA LEU A 856 -12.99 4.86 -38.80
C LEU A 856 -11.86 5.45 -37.97
N SER A 857 -12.09 5.78 -36.70
CA SER A 857 -11.09 6.33 -35.77
C SER A 857 -9.99 5.33 -35.43
N LEU A 858 -10.32 4.06 -35.26
CA LEU A 858 -9.36 2.98 -34.94
C LEU A 858 -8.44 2.76 -36.13
N ARG A 859 -8.86 3.07 -37.33
CA ARG A 859 -7.94 3.03 -38.50
C ARG A 859 -6.87 4.13 -38.46
N GLN A 860 -7.16 5.36 -38.01
CA GLN A 860 -6.05 6.37 -38.00
C GLN A 860 -5.88 7.13 -36.68
N SER A 861 -6.88 7.87 -36.24
CA SER A 861 -6.70 8.75 -35.05
C SER A 861 -6.40 8.04 -33.73
N ILE A 862 -7.08 6.95 -33.38
CA ILE A 862 -6.75 6.18 -32.14
C ILE A 862 -5.34 5.61 -32.24
N PRO A 863 -4.85 5.02 -33.36
CA PRO A 863 -3.45 4.61 -33.45
C PRO A 863 -2.39 5.72 -33.35
N VAL A 864 -2.58 6.85 -34.01
CA VAL A 864 -1.58 7.95 -34.03
C VAL A 864 -1.56 8.62 -32.66
N MET A 865 -2.70 8.77 -32.02
CA MET A 865 -2.70 9.46 -30.71
C MET A 865 -2.10 8.53 -29.67
N LEU A 866 -2.24 7.22 -29.81
CA LEU A 866 -1.54 6.26 -28.93
C LEU A 866 -0.04 6.32 -29.20
N ILE A 867 0.41 6.63 -30.41
CA ILE A 867 1.86 6.74 -30.76
C ILE A 867 2.40 8.05 -30.21
N VAL A 868 1.62 9.13 -30.20
CA VAL A 868 2.03 10.46 -29.68
C VAL A 868 2.10 10.42 -28.15
N LEU A 869 1.18 9.75 -27.48
CA LEU A 869 1.30 9.64 -26.02
C LEU A 869 2.58 8.87 -25.67
N ALA A 870 2.97 7.85 -26.44
CA ALA A 870 4.25 7.15 -26.21
C ALA A 870 5.42 8.10 -26.40
N ALA A 871 5.37 8.98 -27.39
CA ALA A 871 6.40 10.00 -27.64
C ALA A 871 6.53 10.98 -26.49
N LEU A 872 5.46 11.31 -25.81
CA LEU A 872 5.48 12.29 -24.69
C LEU A 872 6.21 11.67 -23.51
N THR A 873 6.00 10.39 -23.24
CA THR A 873 6.69 9.70 -22.13
C THR A 873 8.19 9.67 -22.41
N LEU A 874 8.60 9.29 -23.61
CA LEU A 874 10.04 9.15 -23.95
C LEU A 874 10.67 10.55 -24.02
N SER A 875 9.85 11.61 -23.98
CA SER A 875 10.40 12.98 -23.87
C SER A 875 10.69 13.27 -22.40
N THR A 897 14.82 16.46 -8.45
CA THR A 897 14.30 17.30 -7.38
C THR A 897 12.81 17.55 -7.56
N ASN A 898 12.24 17.00 -8.61
CA ASN A 898 10.82 17.16 -8.79
C ASN A 898 10.25 15.83 -8.49
N PHE A 899 9.37 15.76 -7.48
CA PHE A 899 8.88 14.45 -7.00
C PHE A 899 7.56 14.09 -7.69
N HIS A 900 7.07 14.94 -8.56
CA HIS A 900 5.78 14.70 -9.25
C HIS A 900 6.05 14.31 -10.69
N GLN A 901 7.24 13.83 -11.02
CA GLN A 901 7.58 13.52 -12.42
C GLN A 901 6.79 12.32 -12.92
N ASN A 902 6.50 11.38 -12.04
CA ASN A 902 5.89 10.09 -12.43
C ASN A 902 4.38 10.16 -12.28
N ASP A 903 3.78 11.35 -12.25
CA ASP A 903 2.33 11.43 -12.00
C ASP A 903 1.51 11.40 -13.27
N LEU A 904 2.13 11.53 -14.44
CA LEU A 904 1.36 11.65 -15.68
C LEU A 904 1.38 10.35 -16.50
N LEU A 905 0.43 10.15 -17.39
CA LEU A 905 0.40 9.01 -18.35
C LEU A 905 0.41 7.68 -17.64
N ILE A 906 1.37 6.81 -17.96
CA ILE A 906 1.46 5.45 -17.38
C ILE A 906 2.30 5.50 -16.11
N GLY A 907 2.83 6.66 -15.75
CA GLY A 907 3.55 6.80 -14.48
C GLY A 907 5.00 6.45 -14.49
N THR A 908 5.56 5.96 -15.59
CA THR A 908 6.94 5.51 -15.61
C THR A 908 7.56 6.07 -16.86
N GLN A 909 8.83 6.46 -16.86
CA GLN A 909 9.43 6.95 -18.12
C GLN A 909 10.35 5.86 -18.66
N ASP A 910 10.37 4.71 -18.01
CA ASP A 910 11.14 3.57 -18.47
C ASP A 910 10.67 3.16 -19.86
N PRO A 911 11.55 3.12 -20.90
CA PRO A 911 11.18 2.66 -22.23
C PRO A 911 10.67 1.23 -22.33
N PHE A 912 10.87 0.44 -21.28
CA PHE A 912 10.40 -0.96 -21.27
C PHE A 912 8.88 -1.02 -21.21
N PHE A 913 8.24 -0.11 -20.49
CA PHE A 913 6.78 -0.24 -20.25
C PHE A 913 5.95 0.56 -21.23
N LEU A 914 6.54 1.13 -22.26
CA LEU A 914 5.70 1.82 -23.28
C LEU A 914 4.63 0.85 -23.81
N PHE A 915 4.78 -0.45 -23.67
CA PHE A 915 3.73 -1.34 -24.21
C PHE A 915 2.45 -1.16 -23.41
N LEU A 916 2.55 -0.53 -22.25
CA LEU A 916 1.38 -0.37 -21.38
C LEU A 916 0.43 0.60 -22.07
N ILE A 917 0.93 1.55 -22.85
CA ILE A 917 0.05 2.51 -23.58
C ILE A 917 -0.88 1.75 -24.53
N PRO A 918 -0.46 0.81 -25.40
CA PRO A 918 -1.37 0.00 -26.18
C PRO A 918 -2.30 -0.92 -25.38
N LEU A 919 -1.82 -1.59 -24.32
CA LEU A 919 -2.69 -2.43 -23.46
C LEU A 919 -3.74 -1.55 -22.82
N ILE A 920 -3.41 -0.33 -22.43
CA ILE A 920 -4.38 0.58 -21.78
C ILE A 920 -5.26 1.15 -22.88
N GLY A 921 -4.77 1.26 -24.10
CA GLY A 921 -5.57 1.74 -25.26
C GLY A 921 -6.50 0.68 -25.79
N ILE A 922 -6.11 -0.59 -25.85
CA ILE A 922 -6.97 -1.65 -26.43
C ILE A 922 -7.98 -2.16 -25.40
N ILE A 923 -7.67 -2.10 -24.11
CA ILE A 923 -8.66 -2.50 -23.07
C ILE A 923 -9.77 -1.46 -23.12
N CYS A 924 -9.44 -0.18 -23.29
CA CYS A 924 -10.47 0.90 -23.43
C CYS A 924 -11.32 0.77 -24.70
N VAL A 925 -10.77 0.52 -25.89
CA VAL A 925 -11.59 0.29 -27.12
C VAL A 925 -12.62 -0.80 -26.80
N GLY A 926 -12.27 -1.80 -26.03
CA GLY A 926 -13.21 -2.84 -25.59
C GLY A 926 -14.20 -2.44 -24.54
N VAL A 927 -13.80 -1.66 -23.55
CA VAL A 927 -14.70 -1.19 -22.46
C VAL A 927 -15.55 -0.07 -23.03
N CYS A 928 -14.97 0.76 -23.88
CA CYS A 928 -15.71 1.89 -24.50
C CYS A 928 -16.57 1.31 -25.60
N THR A 929 -16.35 0.06 -25.96
CA THR A 929 -17.36 -0.46 -26.86
C THR A 929 -18.48 -1.11 -26.12
N VAL A 930 -18.19 -1.88 -25.08
CA VAL A 930 -19.24 -2.54 -24.36
C VAL A 930 -20.19 -1.52 -23.82
N VAL A 931 -19.66 -0.44 -23.29
CA VAL A 931 -20.52 0.60 -22.73
C VAL A 931 -21.47 1.15 -23.80
N ASN A 932 -21.01 1.32 -25.03
CA ASN A 932 -21.91 1.70 -26.11
C ASN A 932 -23.05 0.70 -26.25
N TYR A 933 -22.73 -0.59 -26.23
CA TYR A 933 -23.79 -1.59 -26.40
C TYR A 933 -24.71 -1.64 -25.20
N ILE A 934 -24.19 -1.38 -24.00
CA ILE A 934 -25.04 -1.33 -22.82
C ILE A 934 -26.00 -0.15 -22.90
N ALA A 935 -25.52 1.01 -23.36
CA ALA A 935 -26.41 2.16 -23.52
C ALA A 935 -27.48 1.90 -24.57
N LEU A 936 -27.10 1.27 -25.69
CA LEU A 936 -28.08 0.90 -26.71
C LEU A 936 -29.13 -0.06 -26.15
N SER A 937 -28.69 -1.06 -25.39
CA SER A 937 -29.61 -2.03 -24.81
C SER A 937 -30.52 -1.37 -23.79
N LEU A 938 -30.00 -0.43 -23.01
CA LEU A 938 -30.84 0.28 -22.04
C LEU A 938 -31.90 1.12 -22.75
N THR A 939 -31.51 1.81 -23.82
CA THR A 939 -32.49 2.56 -24.60
C THR A 939 -33.57 1.65 -25.16
N ARG A 940 -33.17 0.51 -25.73
CA ARG A 940 -34.14 -0.42 -26.29
C ARG A 940 -35.06 -0.98 -25.21
N LEU A 941 -34.51 -1.31 -24.04
CA LEU A 941 -35.33 -1.85 -22.96
C LEU A 941 -36.36 -0.85 -22.49
N ILE A 942 -35.94 0.41 -22.31
CA ILE A 942 -36.88 1.45 -21.88
C ILE A 942 -37.95 1.67 -22.94
N SER A 943 -37.58 1.59 -24.21
CA SER A 943 -38.54 1.84 -25.31
C SER A 943 -39.63 0.78 -25.29
N VAL A 944 -39.24 -0.48 -25.20
CA VAL A 944 -40.20 -1.62 -25.20
C VAL A 944 -41.07 -1.52 -23.94
N VAL A 945 -40.53 -1.14 -22.79
CA VAL A 945 -41.42 -0.97 -21.59
C VAL A 945 -42.45 0.13 -21.80
N ILE A 946 -42.06 1.27 -22.35
CA ILE A 946 -42.99 2.39 -22.63
C ILE A 946 -43.99 1.90 -23.66
N SER A 947 -43.54 1.13 -24.64
CA SER A 947 -44.50 0.55 -25.59
C SER A 947 -45.44 -0.43 -24.87
N PHE A 948 -44.92 -1.44 -24.18
CA PHE A 948 -45.78 -2.40 -23.49
C PHE A 948 -46.80 -1.69 -22.60
N ILE A 949 -46.38 -0.67 -21.86
CA ILE A 949 -47.30 0.02 -20.97
C ILE A 949 -48.33 0.79 -21.80
N GLY A 950 -47.92 1.35 -22.94
CA GLY A 950 -48.88 2.00 -23.82
C GLY A 950 -49.88 1.03 -24.38
N PHE A 951 -49.47 -0.20 -24.63
CA PHE A 951 -50.32 -1.28 -25.11
C PHE A 951 -51.24 -1.68 -23.99
N LEU A 952 -50.68 -1.71 -22.79
CA LEU A 952 -51.43 -2.08 -21.61
C LEU A 952 -52.57 -1.13 -21.32
N THR A 953 -52.35 0.14 -21.54
CA THR A 953 -53.39 1.07 -21.28
C THR A 953 -54.19 1.44 -22.52
N VAL A 954 -53.66 1.24 -23.73
CA VAL A 954 -54.46 1.61 -24.90
C VAL A 954 -55.62 0.71 -25.14
N ARG A 955 -55.34 -0.59 -25.07
CA ARG A 955 -56.35 -1.62 -25.31
C ARG A 955 -57.36 -1.69 -24.20
N PHE A 956 -56.86 -1.61 -22.97
CA PHE A 956 -57.66 -1.78 -21.76
C PHE A 956 -58.07 -0.47 -21.15
N GLY A 957 -57.93 0.58 -21.91
CA GLY A 957 -58.33 1.90 -21.46
C GLY A 957 -59.58 2.23 -22.20
N MET A 982 -42.10 19.83 -21.48
CA MET A 982 -41.71 21.27 -21.51
C MET A 982 -41.78 21.83 -20.08
N ILE A 983 -42.91 21.61 -19.39
CA ILE A 983 -43.06 22.12 -18.00
C ILE A 983 -42.09 21.32 -17.13
N THR A 984 -42.04 20.01 -17.32
CA THR A 984 -41.17 19.16 -16.49
C THR A 984 -39.70 19.52 -16.71
N THR A 985 -39.31 19.81 -17.95
CA THR A 985 -37.91 20.21 -18.26
C THR A 985 -37.55 21.51 -17.52
N ALA A 986 -38.46 22.49 -17.58
CA ALA A 986 -38.21 23.75 -16.84
C ALA A 986 -38.10 23.45 -15.35
N VAL A 987 -38.99 22.62 -14.80
CA VAL A 987 -38.94 22.39 -13.32
C VAL A 987 -37.62 21.72 -12.94
N LEU A 988 -37.19 20.75 -13.74
CA LEU A 988 -35.97 20.03 -13.33
C LEU A 988 -34.79 21.02 -13.38
N LEU A 989 -34.75 21.84 -14.43
CA LEU A 989 -33.62 22.79 -14.54
C LEU A 989 -33.65 23.70 -13.32
N PHE A 990 -34.81 24.24 -12.99
CA PHE A 990 -34.93 25.09 -11.78
C PHE A 990 -34.40 24.30 -10.59
N LEU A 991 -34.90 23.07 -10.37
CA LEU A 991 -34.46 22.31 -9.17
C LEU A 991 -32.95 22.09 -9.26
N VAL A 992 -32.45 21.76 -10.46
CA VAL A 992 -31.00 21.46 -10.61
C VAL A 992 -30.14 22.71 -10.38
N SER A 993 -30.56 23.87 -10.88
CA SER A 993 -29.81 25.11 -10.58
C SER A 993 -29.91 25.45 -9.08
N THR A 994 -31.06 25.18 -8.46
CA THR A 994 -31.25 25.63 -7.05
C THR A 994 -31.10 24.56 -5.96
N MET A 995 -30.21 24.78 -4.99
CA MET A 995 -30.09 23.96 -3.75
C MET A 995 -29.80 22.45 -3.81
N ILE A 996 -28.78 22.00 -4.54
CA ILE A 996 -28.36 20.57 -4.47
C ILE A 996 -26.87 20.55 -4.80
N PRO A 997 -26.07 19.54 -4.43
CA PRO A 997 -24.67 19.53 -4.85
C PRO A 997 -24.64 19.36 -6.38
N TYR A 998 -23.80 20.08 -7.12
CA TYR A 998 -23.84 20.02 -8.60
C TYR A 998 -23.72 18.58 -9.08
N GLN A 999 -23.18 17.69 -8.28
CA GLN A 999 -22.99 16.30 -8.76
C GLN A 999 -24.35 15.65 -8.98
N LEU A 1000 -25.36 15.90 -8.14
CA LEU A 1000 -26.74 15.38 -8.35
C LEU A 1000 -27.40 16.03 -9.55
N ALA A 1001 -27.17 17.32 -9.77
CA ALA A 1001 -27.71 17.98 -10.97
C ALA A 1001 -27.13 17.33 -12.21
N TYR A 1002 -25.85 16.95 -12.23
CA TYR A 1002 -25.32 16.20 -13.38
C TYR A 1002 -26.06 14.88 -13.52
N LEU A 1003 -26.32 14.16 -12.43
CA LEU A 1003 -26.95 12.83 -12.59
C LEU A 1003 -28.37 12.95 -13.13
N VAL A 1004 -29.17 13.93 -12.69
CA VAL A 1004 -30.51 14.11 -13.31
C VAL A 1004 -30.37 14.50 -14.78
N ALA A 1005 -29.47 15.41 -15.15
CA ALA A 1005 -29.27 15.69 -16.58
C ALA A 1005 -29.08 14.38 -17.34
N CYS A 1006 -28.19 13.51 -16.87
CA CYS A 1006 -27.91 12.24 -17.56
C CYS A 1006 -29.20 11.42 -17.70
N LEU A 1007 -30.13 11.55 -16.75
CA LEU A 1007 -31.45 10.88 -16.84
C LEU A 1007 -32.35 11.60 -17.84
N VAL A 1008 -32.24 12.90 -18.01
CA VAL A 1008 -33.04 13.62 -19.04
C VAL A 1008 -32.45 13.38 -20.42
N GLN A 1009 -31.15 13.15 -20.56
CA GLN A 1009 -30.57 12.83 -21.89
C GLN A 1009 -30.92 11.39 -22.24
N LEU A 1010 -31.11 10.50 -21.28
CA LEU A 1010 -31.60 9.14 -21.61
C LEU A 1010 -33.02 9.25 -22.10
N GLY A 1011 -33.82 10.16 -21.53
CA GLY A 1011 -35.18 10.37 -22.05
C GLY A 1011 -35.18 10.89 -23.47
N THR A 1012 -34.32 11.85 -23.78
CA THR A 1012 -34.21 12.36 -25.16
C THR A 1012 -33.75 11.23 -26.08
N LEU A 1013 -32.83 10.39 -25.65
CA LEU A 1013 -32.29 9.27 -26.45
C LEU A 1013 -33.38 8.23 -26.73
N VAL A 1014 -34.25 7.93 -25.76
CA VAL A 1014 -35.40 6.99 -25.96
C VAL A 1014 -36.42 7.63 -26.90
N ARG A 1015 -36.74 8.90 -26.73
CA ARG A 1015 -37.71 9.59 -27.61
C ARG A 1015 -37.11 9.80 -29.00
N ALA A 1016 -35.79 9.89 -29.16
CA ALA A 1016 -35.12 9.98 -30.46
C ALA A 1016 -35.13 8.64 -31.17
N GLN A 1017 -34.91 7.55 -30.43
CA GLN A 1017 -34.85 6.20 -31.02
C GLN A 1017 -36.24 5.84 -31.52
N ARG A 1018 -37.26 6.15 -30.74
CA ARG A 1018 -38.62 5.74 -31.13
C ARG A 1018 -39.04 6.47 -32.39
N ILE A 1019 -38.75 7.76 -32.47
CA ILE A 1019 -39.07 8.55 -33.70
C ILE A 1019 -38.26 7.99 -34.87
N SER A 1020 -37.03 7.53 -34.64
CA SER A 1020 -36.15 7.04 -35.72
C SER A 1020 -36.63 5.70 -36.27
N SER A 1021 -37.14 4.83 -35.41
CA SER A 1021 -37.72 3.54 -35.83
C SER A 1021 -39.00 3.79 -36.63
N GLU A 1022 -39.82 4.76 -36.21
CA GLU A 1022 -41.13 5.01 -36.87
C GLU A 1022 -40.96 5.71 -38.21
N LEU A 1023 -39.96 6.60 -38.32
CA LEU A 1023 -39.83 7.40 -39.57
C LEU A 1023 -38.71 6.84 -40.46
N ARG A 1024 -37.62 6.34 -39.87
CA ARG A 1024 -36.45 5.85 -40.65
C ARG A 1024 -36.03 6.95 -41.64
N SER A 1025 -35.96 8.20 -41.18
CA SER A 1025 -35.60 9.34 -42.07
C SER A 1025 -34.09 9.62 -41.94
N PRO A 1026 -33.34 10.21 -42.93
CA PRO A 1026 -31.91 10.46 -42.67
C PRO A 1026 -31.65 11.33 -41.43
N ALA A 1027 -32.37 12.44 -41.25
CA ALA A 1027 -32.18 13.41 -40.15
C ALA A 1027 -32.63 12.85 -38.80
N ASN A 1028 -33.54 11.91 -38.80
CA ASN A 1028 -33.89 11.34 -37.49
C ASN A 1028 -32.74 10.41 -37.11
N SER A 1029 -32.07 9.78 -38.08
CA SER A 1029 -30.90 9.00 -37.72
C SER A 1029 -29.77 9.90 -37.26
N ASN A 1030 -29.70 11.10 -37.82
CA ASN A 1030 -28.68 12.08 -37.36
C ASN A 1030 -28.87 12.36 -35.86
N PHE A 1031 -30.06 12.70 -35.40
CA PHE A 1031 -30.30 13.08 -33.98
C PHE A 1031 -30.07 11.90 -33.02
N HIS A 1032 -30.54 10.71 -33.36
CA HIS A 1032 -30.38 9.57 -32.46
C HIS A 1032 -28.89 9.35 -32.30
N ASN A 1033 -28.16 9.48 -33.40
CA ASN A 1033 -26.70 9.27 -33.32
C ASN A 1033 -26.07 10.36 -32.44
N TYR A 1034 -26.38 11.63 -32.69
CA TYR A 1034 -25.75 12.75 -31.94
C TYR A 1034 -26.09 12.68 -30.45
N VAL A 1035 -27.36 12.43 -30.12
CA VAL A 1035 -27.79 12.39 -28.69
C VAL A 1035 -27.07 11.22 -28.01
N HIS A 1036 -26.95 10.09 -28.72
CA HIS A 1036 -26.26 8.90 -28.14
C HIS A 1036 -24.80 9.27 -27.85
N SER A 1037 -24.15 9.98 -28.77
CA SER A 1037 -22.72 10.35 -28.58
C SER A 1037 -22.57 11.27 -27.36
N ILE A 1038 -23.46 12.25 -27.23
CA ILE A 1038 -23.40 13.20 -26.07
C ILE A 1038 -23.70 12.43 -24.78
N PHE A 1039 -24.70 11.55 -24.81
CA PHE A 1039 -25.06 10.75 -23.61
C PHE A 1039 -23.89 9.84 -23.26
N ILE A 1040 -23.25 9.25 -24.27
CA ILE A 1040 -22.07 8.35 -24.03
C ILE A 1040 -20.95 9.20 -23.41
N LEU A 1041 -20.73 10.43 -23.89
CA LEU A 1041 -19.69 11.25 -23.21
C LEU A 1041 -20.03 11.49 -21.75
N MET A 1042 -21.26 11.86 -21.44
CA MET A 1042 -21.72 12.15 -20.07
C MET A 1042 -21.63 10.94 -19.15
N LEU A 1043 -21.88 9.75 -19.68
CA LEU A 1043 -21.83 8.51 -18.87
C LEU A 1043 -20.41 8.28 -18.40
N TRP A 1044 -19.42 8.96 -19.00
CA TRP A 1044 -18.00 8.70 -18.66
C TRP A 1044 -17.48 9.70 -17.64
N ILE A 1045 -18.30 10.69 -17.27
CA ILE A 1045 -17.89 11.64 -16.19
C ILE A 1045 -18.52 11.13 -14.90
N LEU A 1046 -19.58 10.31 -15.03
CA LEU A 1046 -20.22 9.70 -13.84
C LEU A 1046 -19.18 9.01 -12.92
N PRO A 1047 -18.24 8.15 -13.39
CA PRO A 1047 -17.20 7.60 -12.50
C PRO A 1047 -16.56 8.61 -11.55
N ILE A 1048 -16.33 9.84 -12.02
CA ILE A 1048 -15.67 10.90 -11.19
C ILE A 1048 -16.73 11.64 -10.37
N ASN A 1049 -17.96 11.78 -10.87
CA ASN A 1049 -18.99 12.61 -10.17
C ASN A 1049 -19.92 11.80 -9.25
N LEU A 1050 -20.06 10.50 -9.46
CA LEU A 1050 -20.99 9.64 -8.65
C LEU A 1050 -20.52 9.57 -7.21
N PRO A 1051 -19.22 9.49 -6.87
CA PRO A 1051 -18.82 9.36 -5.48
C PRO A 1051 -19.21 10.48 -4.53
N THR A 1052 -19.17 11.75 -4.96
CA THR A 1052 -19.65 12.88 -4.10
C THR A 1052 -21.14 12.78 -3.81
N LEU A 1053 -21.91 12.05 -4.63
CA LEU A 1053 -23.33 11.82 -4.30
C LEU A 1053 -23.45 10.92 -3.08
N VAL A 1054 -22.61 9.89 -2.97
CA VAL A 1054 -22.66 8.91 -1.84
C VAL A 1054 -22.41 9.66 -0.54
N VAL A 1055 -21.43 10.58 -0.55
CA VAL A 1055 -21.03 11.29 0.70
C VAL A 1055 -22.15 12.25 1.08
N TRP A 1056 -22.62 13.06 0.13
CA TRP A 1056 -23.70 14.04 0.41
C TRP A 1056 -24.90 13.32 1.02
N MET A 1057 -25.38 12.25 0.38
CA MET A 1057 -26.59 11.53 0.86
C MET A 1057 -26.40 11.04 2.30
N HIS A 1058 -25.31 10.32 2.58
CA HIS A 1058 -25.09 9.71 3.92
C HIS A 1058 -24.74 10.74 5.01
N ASN A 1059 -24.21 11.88 4.65
CA ASN A 1059 -23.90 12.98 5.61
C ASN A 1059 -25.11 13.86 5.86
N LEU A 1060 -26.14 13.75 5.04
CA LEU A 1060 -27.42 14.48 5.21
C LEU A 1060 -28.25 13.72 6.23
N SER A 1061 -28.01 12.43 6.35
CA SER A 1061 -28.70 11.60 7.37
C SER A 1061 -28.32 12.14 8.74
N VAL A 1062 -27.09 12.60 8.90
CA VAL A 1062 -26.58 13.17 10.17
C VAL A 1062 -26.72 14.68 10.13
N HIS A 1063 -27.62 15.22 9.30
CA HIS A 1063 -27.90 16.68 9.29
C HIS A 1063 -26.67 17.56 9.08
N TRP A 1064 -25.89 17.33 8.03
CA TRP A 1064 -24.65 18.12 7.82
C TRP A 1064 -24.64 18.65 6.39
N HIS A 1071 -20.78 30.85 -9.62
CA HIS A 1071 -19.70 30.23 -8.82
C HIS A 1071 -19.54 28.74 -9.20
N HIS A 1072 -18.77 27.97 -8.43
CA HIS A 1072 -18.51 26.53 -8.74
C HIS A 1072 -19.79 25.71 -8.76
N ASN A 1073 -20.74 25.91 -7.85
CA ASN A 1073 -21.93 25.01 -7.88
C ASN A 1073 -22.82 25.33 -9.08
N VAL A 1074 -22.64 26.50 -9.70
CA VAL A 1074 -23.48 26.91 -10.87
C VAL A 1074 -22.72 26.77 -12.19
N PHE A 1075 -21.49 27.28 -12.28
CA PHE A 1075 -20.70 27.25 -13.54
C PHE A 1075 -20.41 25.81 -13.92
N SER A 1076 -20.19 24.94 -12.95
CA SER A 1076 -19.92 23.49 -13.18
C SER A 1076 -21.09 22.67 -13.73
N ILE A 1077 -22.36 23.04 -13.56
CA ILE A 1077 -23.40 22.15 -14.14
C ILE A 1077 -24.26 22.88 -15.16
N MET A 1078 -24.17 24.20 -15.26
CA MET A 1078 -25.06 24.94 -16.18
C MET A 1078 -24.74 24.57 -17.62
N PRO A 1079 -23.48 24.53 -18.12
CA PRO A 1079 -23.27 24.23 -19.53
C PRO A 1079 -23.93 22.91 -19.90
N PHE A 1080 -23.92 21.93 -19.03
CA PHE A 1080 -24.50 20.60 -19.31
C PHE A 1080 -26.01 20.65 -19.12
N ILE A 1081 -26.52 21.52 -18.25
CA ILE A 1081 -28.00 21.70 -18.04
C ILE A 1081 -28.59 22.39 -19.26
N LEU A 1082 -27.85 23.29 -19.88
CA LEU A 1082 -28.34 23.91 -21.14
C LEU A 1082 -28.33 22.88 -22.28
N LEU A 1083 -27.25 22.14 -22.55
CA LEU A 1083 -27.20 21.22 -23.72
C LEU A 1083 -28.26 20.13 -23.61
N VAL A 1084 -28.46 19.57 -22.42
CA VAL A 1084 -29.50 18.54 -22.21
C VAL A 1084 -30.85 19.16 -22.52
N GLU A 1085 -31.09 20.41 -22.14
CA GLU A 1085 -32.35 21.12 -22.50
C GLU A 1085 -32.40 21.53 -23.98
N THR A 1086 -31.28 21.85 -24.64
CA THR A 1086 -31.38 22.28 -26.06
C THR A 1086 -31.52 21.06 -26.95
N HIS A 1087 -31.57 19.89 -26.35
CA HIS A 1087 -31.76 18.63 -27.11
C HIS A 1087 -33.16 18.12 -26.82
N THR A 1088 -33.79 18.58 -25.75
CA THR A 1088 -35.20 18.18 -25.45
C THR A 1088 -36.12 18.88 -26.44
N THR A 1089 -35.60 19.86 -27.17
CA THR A 1089 -36.34 20.63 -28.18
C THR A 1089 -36.11 20.05 -29.57
N GLY A 1090 -35.36 18.96 -29.72
CA GLY A 1090 -35.21 18.31 -31.03
C GLY A 1090 -34.21 18.90 -32.01
N GLN A 1091 -33.38 19.86 -31.62
CA GLN A 1091 -32.48 20.55 -32.56
C GLN A 1091 -31.15 19.79 -32.71
N MET A 1092 -30.65 19.62 -33.92
CA MET A 1092 -29.39 18.90 -34.19
C MET A 1092 -28.24 19.91 -34.33
N ILE A 1093 -27.02 19.57 -33.93
CA ILE A 1093 -25.95 20.60 -33.97
C ILE A 1093 -25.88 21.15 -35.39
N PRO A 1094 -25.88 22.48 -35.56
CA PRO A 1094 -25.77 23.08 -36.86
C PRO A 1094 -24.44 22.65 -37.45
N ARG A 1095 -24.42 22.25 -38.72
CA ARG A 1095 -23.15 21.80 -39.36
C ARG A 1095 -22.22 23.01 -39.42
N THR A 1096 -20.95 22.78 -39.19
CA THR A 1096 -19.95 23.87 -39.24
C THR A 1096 -19.01 23.67 -40.42
N CYS A 1104 -14.81 31.51 -42.30
CA CYS A 1104 -15.26 31.21 -40.92
C CYS A 1104 -15.54 29.72 -40.81
N CYS A 1105 -16.00 29.08 -41.89
CA CYS A 1105 -16.45 27.67 -41.79
C CYS A 1105 -15.29 26.76 -41.35
N VAL A 1106 -14.14 26.88 -42.01
CA VAL A 1106 -13.02 25.96 -41.69
C VAL A 1106 -12.57 26.26 -40.25
N LEU A 1107 -12.54 27.55 -39.90
CA LEU A 1107 -12.10 27.96 -38.54
C LEU A 1107 -13.03 27.37 -37.48
N LEU A 1108 -14.34 27.40 -37.72
CA LEU A 1108 -15.33 26.90 -36.72
C LEU A 1108 -15.14 25.39 -36.53
N ARG A 1109 -15.07 24.65 -37.64
CA ARG A 1109 -14.90 23.17 -37.58
C ARG A 1109 -13.54 22.86 -36.94
N HIS A 1110 -12.55 23.75 -37.10
CA HIS A 1110 -11.22 23.54 -36.46
C HIS A 1110 -11.40 23.60 -34.95
N ILE A 1111 -12.00 24.68 -34.42
CA ILE A 1111 -12.17 24.83 -32.94
C ILE A 1111 -12.81 23.56 -32.39
N THR A 1112 -13.92 23.09 -32.99
CA THR A 1112 -14.58 21.85 -32.55
C THR A 1112 -13.55 20.71 -32.47
N SER A 1113 -12.81 20.47 -33.56
CA SER A 1113 -11.80 19.38 -33.59
C SER A 1113 -10.72 19.59 -32.51
N ILE A 1114 -10.08 20.76 -32.48
CA ILE A 1114 -9.02 21.01 -31.51
C ILE A 1114 -9.52 20.78 -30.09
N LEU A 1115 -10.76 21.21 -29.80
CA LEU A 1115 -11.29 21.07 -28.45
C LEU A 1115 -11.54 19.61 -28.10
N LEU A 1116 -11.87 18.78 -29.09
CA LEU A 1116 -12.07 17.37 -28.81
C LEU A 1116 -10.78 16.56 -28.83
N LEU A 1117 -9.75 17.02 -29.53
CA LEU A 1117 -8.43 16.40 -29.44
C LEU A 1117 -7.69 16.76 -28.15
N SER A 1118 -7.83 18.00 -27.70
CA SER A 1118 -7.24 18.40 -26.43
C SER A 1118 -7.83 17.61 -25.28
N LEU A 1119 -9.13 17.35 -25.33
CA LEU A 1119 -9.76 16.54 -24.28
C LEU A 1119 -9.19 15.13 -24.26
N ALA A 1120 -8.98 14.54 -25.44
CA ALA A 1120 -8.40 13.20 -25.49
C ALA A 1120 -7.00 13.19 -24.89
N LEU A 1121 -6.16 14.13 -25.32
CA LEU A 1121 -4.79 14.19 -24.80
C LEU A 1121 -4.77 14.46 -23.31
N TYR A 1122 -5.63 15.35 -22.83
CA TYR A 1122 -5.66 15.68 -21.41
C TYR A 1122 -6.14 14.50 -20.59
N ALA A 1123 -7.16 13.78 -21.07
CA ALA A 1123 -7.66 12.62 -20.35
C ALA A 1123 -6.62 11.52 -20.31
N ALA A 1124 -5.71 11.44 -21.25
CA ALA A 1124 -4.71 10.36 -21.12
C ALA A 1124 -3.61 10.77 -20.16
N VAL A 1125 -3.02 11.95 -20.32
CA VAL A 1125 -1.90 12.41 -19.47
C VAL A 1125 -2.31 12.75 -18.03
N TYR A 1126 -3.37 13.52 -17.81
CA TYR A 1126 -3.64 14.06 -16.47
C TYR A 1126 -4.88 13.45 -15.86
N GLY A 1127 -5.21 12.27 -16.27
CA GLY A 1127 -6.47 11.71 -15.78
C GLY A 1127 -6.22 10.77 -14.66
N VAL A 1128 -4.97 10.50 -14.35
CA VAL A 1128 -4.87 9.59 -13.17
C VAL A 1128 -4.67 10.43 -11.92
N SER A 1129 -3.91 11.50 -12.03
CA SER A 1129 -3.60 12.34 -10.85
C SER A 1129 -4.55 13.53 -10.73
N TYR A 1130 -5.04 14.10 -11.82
CA TYR A 1130 -5.92 15.27 -11.79
C TYR A 1130 -7.22 14.92 -12.50
N ALA A 1131 -7.84 13.81 -12.18
CA ALA A 1131 -9.10 13.33 -12.81
C ALA A 1131 -10.25 14.26 -12.54
N TYR A 1132 -10.28 14.94 -11.42
CA TYR A 1132 -11.38 15.83 -11.04
C TYR A 1132 -11.52 16.95 -12.05
N THR A 1133 -10.44 17.35 -12.71
CA THR A 1133 -10.42 18.47 -13.66
C THR A 1133 -11.18 18.09 -14.93
N LEU A 1134 -11.33 16.81 -15.20
CA LEU A 1134 -11.96 16.31 -16.44
C LEU A 1134 -13.45 16.64 -16.47
N HIS A 1135 -14.08 16.80 -15.33
CA HIS A 1135 -15.48 17.26 -15.30
C HIS A 1135 -15.56 18.68 -15.82
N GLN A 1136 -14.56 19.51 -15.52
CA GLN A 1136 -14.63 20.94 -15.88
C GLN A 1136 -14.05 21.16 -17.27
N PHE A 1137 -13.57 20.12 -17.95
CA PHE A 1137 -13.06 20.27 -19.34
C PHE A 1137 -14.21 19.87 -20.23
N VAL A 1138 -14.92 18.85 -19.83
CA VAL A 1138 -16.11 18.43 -20.57
C VAL A 1138 -17.21 19.48 -20.46
N ASN A 1139 -17.23 20.22 -19.34
CA ASN A 1139 -18.11 21.38 -19.24
C ASN A 1139 -17.78 22.42 -20.29
N LEU A 1140 -16.51 22.70 -20.49
CA LEU A 1140 -16.10 23.63 -21.54
C LEU A 1140 -16.57 23.15 -22.90
N PHE A 1141 -16.41 21.85 -23.19
CA PHE A 1141 -16.86 21.34 -24.48
C PHE A 1141 -18.39 21.42 -24.62
N ALA A 1142 -19.13 21.14 -23.56
CA ALA A 1142 -20.58 21.23 -23.62
C ALA A 1142 -21.03 22.67 -23.86
N PHE A 1143 -20.35 23.63 -23.23
CA PHE A 1143 -20.64 25.03 -23.51
C PHE A 1143 -20.34 25.38 -24.95
N TRP A 1144 -19.26 24.81 -25.51
CA TRP A 1144 -18.97 25.04 -26.92
C TRP A 1144 -20.10 24.51 -27.80
N LEU A 1145 -20.62 23.33 -27.47
CA LEU A 1145 -21.75 22.79 -28.23
C LEU A 1145 -22.97 23.69 -28.10
N VAL A 1146 -23.19 24.24 -26.91
CA VAL A 1146 -24.33 25.15 -26.72
C VAL A 1146 -24.19 26.38 -27.59
N MET A 1147 -22.98 26.94 -27.66
CA MET A 1147 -22.76 28.10 -28.52
C MET A 1147 -22.96 27.75 -29.99
N VAL A 1148 -22.47 26.59 -30.41
CA VAL A 1148 -22.65 26.17 -31.80
C VAL A 1148 -24.14 26.01 -32.11
N HIS A 1149 -24.90 25.46 -31.15
CA HIS A 1149 -26.35 25.41 -31.30
C HIS A 1149 -26.93 26.81 -31.46
N SER A 1150 -26.45 27.76 -30.66
CA SER A 1150 -26.98 29.11 -30.70
C SER A 1150 -26.67 29.80 -32.02
N THR A 1151 -25.62 29.36 -32.73
CA THR A 1151 -25.29 29.97 -34.01
C THR A 1151 -26.46 29.90 -34.97
N ALA A 1152 -27.08 28.73 -35.08
CA ALA A 1152 -28.22 28.56 -35.98
C ALA A 1152 -29.47 28.14 -35.21
#